data_6VU4
# 
_entry.id   6VU4 
# 
_audit_conform.dict_name       mmcif_pdbx.dic 
_audit_conform.dict_version    5.380 
_audit_conform.dict_location   http://mmcif.pdb.org/dictionaries/ascii/mmcif_pdbx.dic 
# 
loop_
_database_2.database_id 
_database_2.database_code 
_database_2.pdbx_database_accession 
_database_2.pdbx_DOI 
PDB   6VU4         pdb_00006vu4 10.2210/pdb6vu4/pdb 
WWPDB D_1000247069 ?            ?                   
# 
_pdbx_database_status.status_code                     REL 
_pdbx_database_status.status_code_sf                  REL 
_pdbx_database_status.status_code_mr                  ? 
_pdbx_database_status.entry_id                        6VU4 
_pdbx_database_status.recvd_initial_deposition_date   2020-02-14 
_pdbx_database_status.SG_entry                        N 
_pdbx_database_status.deposit_site                    RCSB 
_pdbx_database_status.process_site                    RCSB 
_pdbx_database_status.status_code_cs                  ? 
_pdbx_database_status.status_code_nmr_data            ? 
_pdbx_database_status.methods_development_category    ? 
_pdbx_database_status.pdb_format_compatible           Y 
# 
loop_
_audit_author.name 
_audit_author.pdbx_ordinal 
_audit_author.identifier_ORCID 
'Wierzbicki, M.' 1 0000-0002-9217-634X 
'Kreutzer, A.'   2 0000-0002-9724-6298 
'Samdin, T.'     3 0000-0003-3516-9175 
'Nowick, J.S.'   4 0000-0002-2273-1029 
# 
_citation.abstract                  ? 
_citation.abstract_id_CAS           ? 
_citation.book_id_ISBN              ? 
_citation.book_publisher            ? 
_citation.book_publisher_city       ? 
_citation.book_title                ? 
_citation.coordinate_linkage        ? 
_citation.country                   US 
_citation.database_id_Medline       ? 
_citation.details                   ? 
_citation.id                        primary 
_citation.journal_abbrev            J.Am.Chem.Soc. 
_citation.journal_id_ASTM           JACSAT 
_citation.journal_id_CSD            ? 
_citation.journal_id_ISSN           1520-5126 
_citation.journal_full              ? 
_citation.journal_issue             ? 
_citation.journal_volume            142 
_citation.language                  ? 
_citation.page_first                11593 
_citation.page_last                 11601 
_citation.title                     
'Effects of N-Terminal Residues on the Assembly of Constrained beta-Hairpin Peptides Derived from A beta.' 
_citation.year                      2020 
_citation.database_id_CSD           ? 
_citation.pdbx_database_id_DOI      10.1021/jacs.0c05186 
_citation.pdbx_database_id_PubMed   32501687 
_citation.unpublished_flag          ? 
# 
loop_
_citation_author.citation_id 
_citation_author.name 
_citation_author.ordinal 
_citation_author.identifier_ORCID 
primary 'Samdin, T.D.'   1  ? 
primary 'Wierzbicki, M.' 2  ? 
primary 'Kreutzer, A.G.' 3  ? 
primary 'Howitz, W.J.'   4  ? 
primary 'Valenzuela, M.' 5  ? 
primary 'Smith, A.'      6  ? 
primary 'Sahrai, V.'     7  ? 
primary 'Truex, N.L.'    8  ? 
primary 'Klun, M.'       9  ? 
primary 'Nowick, J.S.'   10 ? 
# 
_cell.angle_alpha                  90.00 
_cell.angle_alpha_esd              ? 
_cell.angle_beta                   90.00 
_cell.angle_beta_esd               ? 
_cell.angle_gamma                  90.00 
_cell.angle_gamma_esd              ? 
_cell.entry_id                     6VU4 
_cell.details                      ? 
_cell.formula_units_Z              ? 
_cell.length_a                     96.880 
_cell.length_a_esd                 ? 
_cell.length_b                     96.880 
_cell.length_b_esd                 ? 
_cell.length_c                     96.880 
_cell.length_c_esd                 ? 
_cell.volume                       ? 
_cell.volume_esd                   ? 
_cell.Z_PDB                        192 
_cell.reciprocal_angle_alpha       ? 
_cell.reciprocal_angle_beta        ? 
_cell.reciprocal_angle_gamma       ? 
_cell.reciprocal_angle_alpha_esd   ? 
_cell.reciprocal_angle_beta_esd    ? 
_cell.reciprocal_angle_gamma_esd   ? 
_cell.reciprocal_length_a          ? 
_cell.reciprocal_length_b          ? 
_cell.reciprocal_length_c          ? 
_cell.reciprocal_length_a_esd      ? 
_cell.reciprocal_length_b_esd      ? 
_cell.reciprocal_length_c_esd      ? 
_cell.pdbx_unique_axis             ? 
# 
_symmetry.entry_id                         6VU4 
_symmetry.cell_setting                     ? 
_symmetry.Int_Tables_number                209 
_symmetry.space_group_name_Hall            ? 
_symmetry.space_group_name_H-M             'F 4 3 2' 
_symmetry.pdbx_full_space_group_name_H-M   ? 
# 
loop_
_entity.id 
_entity.type 
_entity.src_method 
_entity.pdbx_description 
_entity.formula_weight 
_entity.pdbx_number_of_molecules 
_entity.pdbx_ec 
_entity.pdbx_mutation 
_entity.pdbx_fragment 
_entity.details 
1 polymer     syn 'Beta-hairpin Amyloid-beta precursor peptide mimic' 1932.418 2  ? ? ? ? 
2 non-polymer syn 'IODIDE ION'                                        126.904  2  ? ? ? ? 
3 non-polymer syn 'CHLORIDE ION'                                      35.453   1  ? ? ? ? 
4 water       nat water                                               18.015   36 ? ? ? ? 
# 
_entity_name_com.entity_id   1 
_entity_name_com.name        
;APP,ABPP,APPI,Alzheimer disease amyloid protein,Amyloid precursor protein,Amyloid-beta A4 protein,Cerebral vascular amyloid peptide,CVAP,PreA4,Protease nexin-II,PN-II
;
# 
_entity_poly.entity_id                      1 
_entity_poly.type                           'polypeptide(L)' 
_entity_poly.nstd_linkage                   no 
_entity_poly.nstd_monomer                   yes 
_entity_poly.pdbx_seq_one_letter_code       'H(ORN)KLV(MEA)FAE(ORN)AIIGLMV' 
_entity_poly.pdbx_seq_one_letter_code_can   HAKLVFFAEAAIIGLMV 
_entity_poly.pdbx_strand_id                 C,A 
_entity_poly.pdbx_target_identifier         ? 
# 
loop_
_entity_poly_seq.entity_id 
_entity_poly_seq.num 
_entity_poly_seq.mon_id 
_entity_poly_seq.hetero 
1 1  HIS n 
1 2  ORN n 
1 3  LYS n 
1 4  LEU n 
1 5  VAL n 
1 6  MEA n 
1 7  PHE n 
1 8  ALA n 
1 9  GLU n 
1 10 ORN n 
1 11 ALA n 
1 12 ILE n 
1 13 ILE n 
1 14 GLY n 
1 15 LEU n 
1 16 MET n 
1 17 VAL n 
# 
_pdbx_entity_src_syn.entity_id              1 
_pdbx_entity_src_syn.pdbx_src_id            1 
_pdbx_entity_src_syn.pdbx_alt_source_flag   sample 
_pdbx_entity_src_syn.pdbx_beg_seq_num       1 
_pdbx_entity_src_syn.pdbx_end_seq_num       17 
_pdbx_entity_src_syn.organism_scientific    'Homo sapiens' 
_pdbx_entity_src_syn.organism_common_name   Human 
_pdbx_entity_src_syn.ncbi_taxonomy_id       9606 
_pdbx_entity_src_syn.details                ? 
# 
_struct_ref.id                         1 
_struct_ref.db_name                    PDB 
_struct_ref.db_code                    6VU4 
_struct_ref.pdbx_db_accession          6VU4 
_struct_ref.pdbx_db_isoform            ? 
_struct_ref.entity_id                  1 
_struct_ref.pdbx_seq_one_letter_code   ? 
_struct_ref.pdbx_align_begin           1 
# 
loop_
_struct_ref_seq.align_id 
_struct_ref_seq.ref_id 
_struct_ref_seq.pdbx_PDB_id_code 
_struct_ref_seq.pdbx_strand_id 
_struct_ref_seq.seq_align_beg 
_struct_ref_seq.pdbx_seq_align_beg_ins_code 
_struct_ref_seq.seq_align_end 
_struct_ref_seq.pdbx_seq_align_end_ins_code 
_struct_ref_seq.pdbx_db_accession 
_struct_ref_seq.db_align_beg 
_struct_ref_seq.pdbx_db_align_beg_ins_code 
_struct_ref_seq.db_align_end 
_struct_ref_seq.pdbx_db_align_end_ins_code 
_struct_ref_seq.pdbx_auth_seq_align_beg 
_struct_ref_seq.pdbx_auth_seq_align_end 
1 1 6VU4 C 1 ? 17 ? 6VU4 1 ? 17 ? 1 17 
2 1 6VU4 A 1 ? 17 ? 6VU4 1 ? 17 ? 1 17 
# 
loop_
_chem_comp.id 
_chem_comp.type 
_chem_comp.mon_nstd_flag 
_chem_comp.name 
_chem_comp.pdbx_synonyms 
_chem_comp.formula 
_chem_comp.formula_weight 
ALA 'L-peptide linking' y ALANINE               ? 'C3 H7 N O2'     89.093  
CL  non-polymer         . 'CHLORIDE ION'        ? 'Cl -1'          35.453  
GLU 'L-peptide linking' y 'GLUTAMIC ACID'       ? 'C5 H9 N O4'     147.129 
GLY 'peptide linking'   y GLYCINE               ? 'C2 H5 N O2'     75.067  
HIS 'L-peptide linking' y HISTIDINE             ? 'C6 H10 N3 O2 1' 156.162 
HOH non-polymer         . WATER                 ? 'H2 O'           18.015  
ILE 'L-peptide linking' y ISOLEUCINE            ? 'C6 H13 N O2'    131.173 
IOD non-polymer         . 'IODIDE ION'          ? 'I -1'           126.904 
LEU 'L-peptide linking' y LEUCINE               ? 'C6 H13 N O2'    131.173 
LYS 'L-peptide linking' y LYSINE                ? 'C6 H15 N2 O2 1' 147.195 
MEA 'L-peptide linking' n N-METHYLPHENYLALANINE ? 'C10 H13 N O2'   179.216 
MET 'L-peptide linking' y METHIONINE            ? 'C5 H11 N O2 S'  149.211 
ORN 'L-peptide linking' n L-ornithine           ? 'C5 H12 N2 O2'   132.161 
PHE 'L-peptide linking' y PHENYLALANINE         ? 'C9 H11 N O2'    165.189 
VAL 'L-peptide linking' y VALINE                ? 'C5 H11 N O2'    117.146 
# 
_exptl.absorpt_coefficient_mu     ? 
_exptl.absorpt_correction_T_max   ? 
_exptl.absorpt_correction_T_min   ? 
_exptl.absorpt_correction_type    ? 
_exptl.absorpt_process_details    ? 
_exptl.entry_id                   6VU4 
_exptl.crystals_number            1 
_exptl.details                    ? 
_exptl.method                     'X-RAY DIFFRACTION' 
_exptl.method_details             ? 
# 
_exptl_crystal.colour                      ? 
_exptl_crystal.density_diffrn              ? 
_exptl_crystal.density_Matthews            2.45 
_exptl_crystal.density_method              ? 
_exptl_crystal.density_percent_sol         49.81 
_exptl_crystal.description                 ? 
_exptl_crystal.F_000                       ? 
_exptl_crystal.id                          1 
_exptl_crystal.preparation                 ? 
_exptl_crystal.size_max                    ? 
_exptl_crystal.size_mid                    ? 
_exptl_crystal.size_min                    ? 
_exptl_crystal.size_rad                    ? 
_exptl_crystal.colour_lustre               ? 
_exptl_crystal.colour_modifier             ? 
_exptl_crystal.colour_primary              ? 
_exptl_crystal.density_meas                ? 
_exptl_crystal.density_meas_esd            ? 
_exptl_crystal.density_meas_gt             ? 
_exptl_crystal.density_meas_lt             ? 
_exptl_crystal.density_meas_temp           ? 
_exptl_crystal.density_meas_temp_esd       ? 
_exptl_crystal.density_meas_temp_gt        ? 
_exptl_crystal.density_meas_temp_lt        ? 
_exptl_crystal.pdbx_crystal_image_url      ? 
_exptl_crystal.pdbx_crystal_image_format   ? 
_exptl_crystal.pdbx_mosaicity              ? 
_exptl_crystal.pdbx_mosaicity_esd          ? 
# 
_exptl_crystal_grow.apparatus       ? 
_exptl_crystal_grow.atmosphere      ? 
_exptl_crystal_grow.crystal_id      1 
_exptl_crystal_grow.details         ? 
_exptl_crystal_grow.method          'VAPOR DIFFUSION, HANGING DROP' 
_exptl_crystal_grow.method_ref      ? 
_exptl_crystal_grow.pH              7.2 
_exptl_crystal_grow.pressure        ? 
_exptl_crystal_grow.pressure_esd    ? 
_exptl_crystal_grow.seeding         ? 
_exptl_crystal_grow.seeding_ref     ? 
_exptl_crystal_grow.temp            293 
_exptl_crystal_grow.temp_details    ? 
_exptl_crystal_grow.temp_esd        ? 
_exptl_crystal_grow.time            ? 
_exptl_crystal_grow.pdbx_details    '0.1 M HEPES buffer at pH 7.2, 0.2 M sodium citrate, and 25% isopropanol' 
_exptl_crystal_grow.pdbx_pH_range   ? 
# 
_diffrn.ambient_environment              ? 
_diffrn.ambient_temp                     170 
_diffrn.ambient_temp_details             ? 
_diffrn.ambient_temp_esd                 ? 
_diffrn.crystal_id                       1 
_diffrn.crystal_support                  ? 
_diffrn.crystal_treatment                ? 
_diffrn.details                          ? 
_diffrn.id                               1 
_diffrn.ambient_pressure                 ? 
_diffrn.ambient_pressure_esd             ? 
_diffrn.ambient_pressure_gt              ? 
_diffrn.ambient_pressure_lt              ? 
_diffrn.ambient_temp_gt                  ? 
_diffrn.ambient_temp_lt                  ? 
_diffrn.pdbx_serial_crystal_experiment   N 
# 
_diffrn_detector.details                      ? 
_diffrn_detector.detector                     CCD 
_diffrn_detector.diffrn_id                    1 
_diffrn_detector.type                         'RIGAKU SATURN 92' 
_diffrn_detector.area_resol_mean              ? 
_diffrn_detector.dtime                        ? 
_diffrn_detector.pdbx_frames_total            ? 
_diffrn_detector.pdbx_collection_time_total   ? 
_diffrn_detector.pdbx_collection_date         2017-09-08 
_diffrn_detector.pdbx_frequency               ? 
# 
_diffrn_radiation.collimation                      ? 
_diffrn_radiation.diffrn_id                        1 
_diffrn_radiation.filter_edge                      ? 
_diffrn_radiation.inhomogeneity                    ? 
_diffrn_radiation.monochromator                    ? 
_diffrn_radiation.polarisn_norm                    ? 
_diffrn_radiation.polarisn_ratio                   ? 
_diffrn_radiation.probe                            ? 
_diffrn_radiation.type                             ? 
_diffrn_radiation.xray_symbol                      ? 
_diffrn_radiation.wavelength_id                    1 
_diffrn_radiation.pdbx_monochromatic_or_laue_m_l   M 
_diffrn_radiation.pdbx_wavelength_list             ? 
_diffrn_radiation.pdbx_wavelength                  ? 
_diffrn_radiation.pdbx_diffrn_protocol             'SINGLE WAVELENGTH' 
_diffrn_radiation.pdbx_analyzer                    ? 
_diffrn_radiation.pdbx_scattering_type             x-ray 
# 
_diffrn_radiation_wavelength.id           1 
_diffrn_radiation_wavelength.wavelength   1.54178 
_diffrn_radiation_wavelength.wt           1.0 
# 
_diffrn_source.current                     ? 
_diffrn_source.details                     ? 
_diffrn_source.diffrn_id                   1 
_diffrn_source.power                       ? 
_diffrn_source.size                        ? 
_diffrn_source.source                      'SEALED TUBE' 
_diffrn_source.target                      ? 
_diffrn_source.type                        'RIGAKU MICROMAX-007 HF' 
_diffrn_source.voltage                     ? 
_diffrn_source.take-off_angle              ? 
_diffrn_source.pdbx_wavelength_list        1.54178 
_diffrn_source.pdbx_wavelength             ? 
_diffrn_source.pdbx_synchrotron_beamline   ? 
_diffrn_source.pdbx_synchrotron_site       ? 
# 
_reflns.B_iso_Wilson_estimate            ? 
_reflns.entry_id                         6VU4 
_reflns.data_reduction_details           ? 
_reflns.data_reduction_method            ? 
_reflns.d_resolution_high                2.077 
_reflns.d_resolution_low                 24.220 
_reflns.details                          ? 
_reflns.limit_h_max                      ? 
_reflns.limit_h_min                      ? 
_reflns.limit_k_max                      ? 
_reflns.limit_k_min                      ? 
_reflns.limit_l_max                      ? 
_reflns.limit_l_min                      ? 
_reflns.number_all                       ? 
_reflns.number_obs                       94127 
_reflns.observed_criterion               ? 
_reflns.observed_criterion_F_max         ? 
_reflns.observed_criterion_F_min         ? 
_reflns.observed_criterion_I_max         ? 
_reflns.observed_criterion_I_min         ? 
_reflns.observed_criterion_sigma_F       ? 
_reflns.observed_criterion_sigma_I       ? 
_reflns.percent_possible_obs             100 
_reflns.R_free_details                   ? 
_reflns.Rmerge_F_all                     ? 
_reflns.Rmerge_F_obs                     ? 
_reflns.Friedel_coverage                 ? 
_reflns.number_gt                        ? 
_reflns.threshold_expression             ? 
_reflns.pdbx_redundancy                  35.7 
_reflns.pdbx_Rmerge_I_obs                ? 
_reflns.pdbx_Rmerge_I_all                ? 
_reflns.pdbx_Rsym_value                  ? 
_reflns.pdbx_netI_over_av_sigmaI         ? 
_reflns.pdbx_netI_over_sigmaI            22.2 
_reflns.pdbx_res_netI_over_av_sigmaI_2   ? 
_reflns.pdbx_res_netI_over_sigmaI_2      ? 
_reflns.pdbx_chi_squared                 ? 
_reflns.pdbx_scaling_rejects             ? 
_reflns.pdbx_d_res_high_opt              ? 
_reflns.pdbx_d_res_low_opt               ? 
_reflns.pdbx_d_res_opt_method            ? 
_reflns.phase_calculation_details        ? 
_reflns.pdbx_Rrim_I_all                  ? 
_reflns.pdbx_Rpim_I_all                  ? 
_reflns.pdbx_d_opt                       ? 
_reflns.pdbx_number_measured_all         ? 
_reflns.pdbx_diffrn_id                   1 
_reflns.pdbx_ordinal                     1 
_reflns.pdbx_CC_half                     0.999 
_reflns.pdbx_CC_star                     ? 
_reflns.pdbx_R_split                     ? 
# 
_reflns_shell.d_res_high                  2.077 
_reflns_shell.d_res_low                   2.160 
_reflns_shell.meanI_over_sigI_all         ? 
_reflns_shell.meanI_over_sigI_obs         ? 
_reflns_shell.number_measured_all         ? 
_reflns_shell.number_measured_obs         ? 
_reflns_shell.number_possible             ? 
_reflns_shell.number_unique_all           ? 
_reflns_shell.number_unique_obs           8323 
_reflns_shell.percent_possible_all        ? 
_reflns_shell.percent_possible_obs        ? 
_reflns_shell.Rmerge_F_all                ? 
_reflns_shell.Rmerge_F_obs                ? 
_reflns_shell.Rmerge_I_all                ? 
_reflns_shell.Rmerge_I_obs                ? 
_reflns_shell.meanI_over_sigI_gt          ? 
_reflns_shell.meanI_over_uI_all           ? 
_reflns_shell.meanI_over_uI_gt            ? 
_reflns_shell.number_measured_gt          ? 
_reflns_shell.number_unique_gt            ? 
_reflns_shell.percent_possible_gt         ? 
_reflns_shell.Rmerge_F_gt                 ? 
_reflns_shell.Rmerge_I_gt                 ? 
_reflns_shell.pdbx_redundancy             ? 
_reflns_shell.pdbx_Rsym_value             ? 
_reflns_shell.pdbx_chi_squared            ? 
_reflns_shell.pdbx_netI_over_sigmaI_all   ? 
_reflns_shell.pdbx_netI_over_sigmaI_obs   ? 
_reflns_shell.pdbx_Rrim_I_all             ? 
_reflns_shell.pdbx_Rpim_I_all             ? 
_reflns_shell.pdbx_rejects                ? 
_reflns_shell.pdbx_ordinal                1 
_reflns_shell.pdbx_diffrn_id              1 
_reflns_shell.pdbx_CC_half                0.914 
_reflns_shell.pdbx_CC_star                ? 
_reflns_shell.pdbx_R_split                ? 
# 
_refine.aniso_B[1][1]                            ? 
_refine.aniso_B[1][2]                            ? 
_refine.aniso_B[1][3]                            ? 
_refine.aniso_B[2][2]                            ? 
_refine.aniso_B[2][3]                            ? 
_refine.aniso_B[3][3]                            ? 
_refine.B_iso_max                                ? 
_refine.B_iso_mean                               ? 
_refine.B_iso_min                                ? 
_refine.correlation_coeff_Fo_to_Fc               ? 
_refine.correlation_coeff_Fo_to_Fc_free          ? 
_refine.details                                  ? 
_refine.diff_density_max                         ? 
_refine.diff_density_max_esd                     ? 
_refine.diff_density_min                         ? 
_refine.diff_density_min_esd                     ? 
_refine.diff_density_rms                         ? 
_refine.diff_density_rms_esd                     ? 
_refine.entry_id                                 6VU4 
_refine.pdbx_refine_id                           'X-RAY DIFFRACTION' 
_refine.ls_abs_structure_details                 ? 
_refine.ls_abs_structure_Flack                   ? 
_refine.ls_abs_structure_Flack_esd               ? 
_refine.ls_abs_structure_Rogers                  ? 
_refine.ls_abs_structure_Rogers_esd              ? 
_refine.ls_d_res_high                            2.077 
_refine.ls_d_res_low                             24.220 
_refine.ls_extinction_coef                       ? 
_refine.ls_extinction_coef_esd                   ? 
_refine.ls_extinction_expression                 ? 
_refine.ls_extinction_method                     ? 
_refine.ls_goodness_of_fit_all                   ? 
_refine.ls_goodness_of_fit_all_esd               ? 
_refine.ls_goodness_of_fit_obs                   ? 
_refine.ls_goodness_of_fit_obs_esd               ? 
_refine.ls_hydrogen_treatment                    ? 
_refine.ls_matrix_type                           ? 
_refine.ls_number_constraints                    ? 
_refine.ls_number_parameters                     ? 
_refine.ls_number_reflns_all                     ? 
_refine.ls_number_reflns_obs                     4457 
_refine.ls_number_reflns_R_free                  439 
_refine.ls_number_reflns_R_work                  ? 
_refine.ls_number_restraints                     ? 
_refine.ls_percent_reflns_obs                    100.00 
_refine.ls_percent_reflns_R_free                 9.85 
_refine.ls_R_factor_all                          ? 
_refine.ls_R_factor_obs                          0.2266 
_refine.ls_R_factor_R_free                       0.2705 
_refine.ls_R_factor_R_free_error                 ? 
_refine.ls_R_factor_R_free_error_details         ? 
_refine.ls_R_factor_R_work                       0.2217 
_refine.ls_R_Fsqd_factor_obs                     ? 
_refine.ls_R_I_factor_obs                        ? 
_refine.ls_redundancy_reflns_all                 ? 
_refine.ls_redundancy_reflns_obs                 ? 
_refine.ls_restrained_S_all                      ? 
_refine.ls_restrained_S_obs                      ? 
_refine.ls_shift_over_esd_max                    ? 
_refine.ls_shift_over_esd_mean                   ? 
_refine.ls_structure_factor_coef                 ? 
_refine.ls_weighting_details                     ? 
_refine.ls_weighting_scheme                      ? 
_refine.ls_wR_factor_all                         ? 
_refine.ls_wR_factor_obs                         ? 
_refine.ls_wR_factor_R_free                      ? 
_refine.ls_wR_factor_R_work                      ? 
_refine.occupancy_max                            ? 
_refine.occupancy_min                            ? 
_refine.solvent_model_details                    ? 
_refine.solvent_model_param_bsol                 ? 
_refine.solvent_model_param_ksol                 ? 
_refine.pdbx_R_complete                          ? 
_refine.ls_R_factor_gt                           ? 
_refine.ls_goodness_of_fit_gt                    ? 
_refine.ls_goodness_of_fit_ref                   ? 
_refine.ls_shift_over_su_max                     ? 
_refine.ls_shift_over_su_max_lt                  ? 
_refine.ls_shift_over_su_mean                    ? 
_refine.ls_shift_over_su_mean_lt                 ? 
_refine.pdbx_ls_sigma_I                          ? 
_refine.pdbx_ls_sigma_F                          1.38 
_refine.pdbx_ls_sigma_Fsqd                       ? 
_refine.pdbx_data_cutoff_high_absF               ? 
_refine.pdbx_data_cutoff_high_rms_absF           ? 
_refine.pdbx_data_cutoff_low_absF                ? 
_refine.pdbx_isotropic_thermal_model             ? 
_refine.pdbx_ls_cross_valid_method               'FREE R-VALUE' 
_refine.pdbx_method_to_determine_struct          'MOLECULAR REPLACEMENT' 
_refine.pdbx_starting_model                      5W4H 
_refine.pdbx_stereochemistry_target_values       ? 
_refine.pdbx_R_Free_selection_details            ? 
_refine.pdbx_stereochem_target_val_spec_case     ? 
_refine.pdbx_overall_ESU_R                       ? 
_refine.pdbx_overall_ESU_R_Free                  ? 
_refine.pdbx_solvent_vdw_probe_radii             1.11 
_refine.pdbx_solvent_ion_probe_radii             ? 
_refine.pdbx_solvent_shrinkage_radii             0.90 
_refine.pdbx_real_space_R                        ? 
_refine.pdbx_density_correlation                 ? 
_refine.pdbx_pd_number_of_powder_patterns        ? 
_refine.pdbx_pd_number_of_points                 ? 
_refine.pdbx_pd_meas_number_of_points            ? 
_refine.pdbx_pd_proc_ls_prof_R_factor            ? 
_refine.pdbx_pd_proc_ls_prof_wR_factor           ? 
_refine.pdbx_pd_Marquardt_correlation_coeff      ? 
_refine.pdbx_pd_Fsqrd_R_factor                   ? 
_refine.pdbx_pd_ls_matrix_band_width             ? 
_refine.pdbx_overall_phase_error                 33.03 
_refine.pdbx_overall_SU_R_free_Cruickshank_DPI   ? 
_refine.pdbx_overall_SU_R_free_Blow_DPI          ? 
_refine.pdbx_overall_SU_R_Blow_DPI               ? 
_refine.pdbx_TLS_residual_ADP_flag               ? 
_refine.pdbx_diffrn_id                           1 
_refine.overall_SU_B                             ? 
_refine.overall_SU_ML                            0.28 
_refine.overall_SU_R_Cruickshank_DPI             ? 
_refine.overall_SU_R_free                        ? 
_refine.overall_FOM_free_R_set                   ? 
_refine.overall_FOM_work_R_set                   ? 
_refine.pdbx_average_fsc_overall                 ? 
_refine.pdbx_average_fsc_work                    ? 
_refine.pdbx_average_fsc_free                    ? 
# 
_refine_hist.pdbx_refine_id                   'X-RAY DIFFRACTION' 
_refine_hist.cycle_id                         LAST 
_refine_hist.pdbx_number_atoms_protein        270 
_refine_hist.pdbx_number_atoms_nucleic_acid   0 
_refine_hist.pdbx_number_atoms_ligand         3 
_refine_hist.number_atoms_solvent             36 
_refine_hist.number_atoms_total               309 
_refine_hist.d_res_high                       2.077 
_refine_hist.d_res_low                        24.220 
# 
loop_
_refine_ls_restr.pdbx_refine_id 
_refine_ls_restr.criterion 
_refine_ls_restr.dev_ideal 
_refine_ls_restr.dev_ideal_target 
_refine_ls_restr.number 
_refine_ls_restr.rejects 
_refine_ls_restr.type 
_refine_ls_restr.weight 
_refine_ls_restr.pdbx_restraint_function 
'X-RAY DIFFRACTION' ? 0.003  ? 284 ? f_bond_d           ? ? 
'X-RAY DIFFRACTION' ? 1.036  ? 377 ? f_angle_d          ? ? 
'X-RAY DIFFRACTION' ? 22.905 ? 204 ? f_dihedral_angle_d ? ? 
'X-RAY DIFFRACTION' ? 0.137  ? 45  ? f_chiral_restr     ? ? 
'X-RAY DIFFRACTION' ? 0.002  ? 45  ? f_plane_restr      ? ? 
# 
loop_
_refine_ls_shell.pdbx_refine_id 
_refine_ls_shell.d_res_high 
_refine_ls_shell.d_res_low 
_refine_ls_shell.number_reflns_all 
_refine_ls_shell.number_reflns_obs 
_refine_ls_shell.number_reflns_R_free 
_refine_ls_shell.number_reflns_R_work 
_refine_ls_shell.percent_reflns_obs 
_refine_ls_shell.percent_reflns_R_free 
_refine_ls_shell.R_factor_all 
_refine_ls_shell.R_factor_obs 
_refine_ls_shell.R_factor_R_free 
_refine_ls_shell.R_factor_R_free_error 
_refine_ls_shell.R_factor_R_work 
_refine_ls_shell.redundancy_reflns_all 
_refine_ls_shell.redundancy_reflns_obs 
_refine_ls_shell.wR_factor_all 
_refine_ls_shell.wR_factor_obs 
_refine_ls_shell.wR_factor_R_free 
_refine_ls_shell.wR_factor_R_work 
_refine_ls_shell.pdbx_R_complete 
_refine_ls_shell.pdbx_total_number_of_bins_used 
_refine_ls_shell.pdbx_phase_error 
_refine_ls_shell.pdbx_fsc_work 
_refine_ls_shell.pdbx_fsc_free 
'X-RAY DIFFRACTION' 2.0770 2.3771 . . 146 1324 100.00 . . . 0.3541 . 0.2300 . . . . . . . . . . . 
'X-RAY DIFFRACTION' 2.3771 2.9941 . . 147 1334 100.00 . . . 0.2991 . 0.2493 . . . . . . . . . . . 
'X-RAY DIFFRACTION' 2.9941 24.220 . . 146 1360 100.00 . . . 0.2415 . 0.2096 . . . . . . . . . . . 
# 
_struct.entry_id                     6VU4 
_struct.title                        'Structure of a beta-hairpin peptide mimic derived from Abeta 14-36' 
_struct.pdbx_model_details           ? 
_struct.pdbx_formula_weight          ? 
_struct.pdbx_formula_weight_method   ? 
_struct.pdbx_model_type_details      ? 
_struct.pdbx_CASP_flag               N 
# 
_struct_keywords.entry_id        6VU4 
_struct_keywords.text            
;Alzheimer's disease, NEUROPEPTIDE
;
_struct_keywords.pdbx_keywords   NEUROPEPTIDE 
# 
loop_
_struct_asym.id 
_struct_asym.pdbx_blank_PDB_chainid_flag 
_struct_asym.pdbx_modified 
_struct_asym.entity_id 
_struct_asym.details 
A N N 1 ? 
B N N 1 ? 
C N N 2 ? 
D N N 2 ? 
E N N 3 ? 
F N N 4 ? 
G N N 4 ? 
# 
loop_
_struct_conn.id 
_struct_conn.conn_type_id 
_struct_conn.pdbx_leaving_atom_flag 
_struct_conn.pdbx_PDB_id 
_struct_conn.ptnr1_label_asym_id 
_struct_conn.ptnr1_label_comp_id 
_struct_conn.ptnr1_label_seq_id 
_struct_conn.ptnr1_label_atom_id 
_struct_conn.pdbx_ptnr1_label_alt_id 
_struct_conn.pdbx_ptnr1_PDB_ins_code 
_struct_conn.pdbx_ptnr1_standard_comp_id 
_struct_conn.ptnr1_symmetry 
_struct_conn.ptnr2_label_asym_id 
_struct_conn.ptnr2_label_comp_id 
_struct_conn.ptnr2_label_seq_id 
_struct_conn.ptnr2_label_atom_id 
_struct_conn.pdbx_ptnr2_label_alt_id 
_struct_conn.pdbx_ptnr2_PDB_ins_code 
_struct_conn.ptnr1_auth_asym_id 
_struct_conn.ptnr1_auth_comp_id 
_struct_conn.ptnr1_auth_seq_id 
_struct_conn.ptnr2_auth_asym_id 
_struct_conn.ptnr2_auth_comp_id 
_struct_conn.ptnr2_auth_seq_id 
_struct_conn.ptnr2_symmetry 
_struct_conn.pdbx_ptnr3_label_atom_id 
_struct_conn.pdbx_ptnr3_label_seq_id 
_struct_conn.pdbx_ptnr3_label_comp_id 
_struct_conn.pdbx_ptnr3_label_asym_id 
_struct_conn.pdbx_ptnr3_label_alt_id 
_struct_conn.pdbx_ptnr3_PDB_ins_code 
_struct_conn.details 
_struct_conn.pdbx_dist_value 
_struct_conn.pdbx_value_order 
_struct_conn.pdbx_role 
covale1  covale both ? A HIS 1  C  ? ? ? 1_555 A ORN 2  N  ? ? C HIS 1  C ORN 2  1_555 ? ? ? ? ? ? ? 1.329 ? ? 
covale2  covale both ? A ORN 2  C  ? ? ? 1_555 A LYS 3  N  ? ? C ORN 2  C LYS 3  1_555 ? ? ? ? ? ? ? 1.329 ? ? 
covale3  covale both ? A ORN 2  NE ? ? ? 1_555 A VAL 17 C  ? ? C ORN 2  C VAL 17 1_555 ? ? ? ? ? ? ? 1.331 ? ? 
covale4  covale both ? A VAL 5  C  ? ? ? 1_555 A MEA 6  N  ? ? C VAL 5  C MEA 6  1_555 ? ? ? ? ? ? ? 1.336 ? ? 
covale5  covale both ? A MEA 6  C  ? ? ? 1_555 A PHE 7  N  ? ? C MEA 6  C PHE 7  1_555 ? ? ? ? ? ? ? 1.331 ? ? 
covale6  covale both ? A GLU 9  C  A ? ? 1_555 A ORN 10 NE ? ? C GLU 9  C ORN 10 1_555 ? ? ? ? ? ? ? 1.378 ? ? 
covale7  covale both ? A GLU 9  C  B ? ? 1_555 A ORN 10 NE ? ? C GLU 9  C ORN 10 1_555 ? ? ? ? ? ? ? 1.378 ? ? 
covale8  covale both ? A ORN 10 C  ? ? ? 1_555 A ALA 11 N  ? ? C ORN 10 C ALA 11 1_555 ? ? ? ? ? ? ? 1.373 ? ? 
covale9  covale both ? B HIS 1  C  ? ? ? 1_555 B ORN 2  N  ? ? A HIS 1  A ORN 2  1_555 ? ? ? ? ? ? ? 1.330 ? ? 
covale10 covale both ? B ORN 2  C  ? ? ? 1_555 B LYS 3  N  ? ? A ORN 2  A LYS 3  1_555 ? ? ? ? ? ? ? 1.328 ? ? 
covale11 covale both ? B ORN 2  NE ? ? ? 1_555 B VAL 17 C  ? ? A ORN 2  A VAL 17 1_555 ? ? ? ? ? ? ? 1.343 ? ? 
covale12 covale both ? B VAL 5  C  ? ? ? 1_555 B MEA 6  N  ? ? A VAL 5  A MEA 6  1_555 ? ? ? ? ? ? ? 1.332 ? ? 
covale13 covale both ? B MEA 6  C  ? ? ? 1_555 B PHE 7  N  ? ? A MEA 6  A PHE 7  1_555 ? ? ? ? ? ? ? 1.329 ? ? 
covale14 covale both ? B GLU 9  C  ? ? ? 1_555 B ORN 10 NE ? ? A GLU 9  A ORN 10 1_555 ? ? ? ? ? ? ? 1.377 ? ? 
covale15 covale both ? B ORN 10 C  ? ? ? 1_555 B ALA 11 N  ? ? A ORN 10 A ALA 11 1_555 ? ? ? ? ? ? ? 1.372 ? ? 
# 
_struct_conn_type.id          covale 
_struct_conn_type.criteria    ? 
_struct_conn_type.reference   ? 
# 
_struct_sheet.id               AA1 
_struct_sheet.type             ? 
_struct_sheet.number_strands   4 
_struct_sheet.details          ? 
# 
loop_
_struct_sheet_order.sheet_id 
_struct_sheet_order.range_id_1 
_struct_sheet_order.range_id_2 
_struct_sheet_order.offset 
_struct_sheet_order.sense 
AA1 1 2 ? anti-parallel 
AA1 2 3 ? anti-parallel 
AA1 3 4 ? anti-parallel 
# 
loop_
_struct_sheet_range.sheet_id 
_struct_sheet_range.id 
_struct_sheet_range.beg_label_comp_id 
_struct_sheet_range.beg_label_asym_id 
_struct_sheet_range.beg_label_seq_id 
_struct_sheet_range.pdbx_beg_PDB_ins_code 
_struct_sheet_range.end_label_comp_id 
_struct_sheet_range.end_label_asym_id 
_struct_sheet_range.end_label_seq_id 
_struct_sheet_range.pdbx_end_PDB_ins_code 
_struct_sheet_range.beg_auth_comp_id 
_struct_sheet_range.beg_auth_asym_id 
_struct_sheet_range.beg_auth_seq_id 
_struct_sheet_range.end_auth_comp_id 
_struct_sheet_range.end_auth_asym_id 
_struct_sheet_range.end_auth_seq_id 
AA1 1 LYS A 3  ? ALA A 8  ? LYS C 3  ALA C 8  
AA1 2 ALA A 11 ? VAL A 17 ? ALA C 11 VAL C 17 
AA1 3 ILE B 12 ? VAL B 17 ? ILE A 12 VAL A 17 
AA1 4 LYS B 3  ? ALA B 8  ? LYS A 3  ALA A 8  
# 
loop_
_pdbx_struct_sheet_hbond.sheet_id 
_pdbx_struct_sheet_hbond.range_id_1 
_pdbx_struct_sheet_hbond.range_id_2 
_pdbx_struct_sheet_hbond.range_1_label_atom_id 
_pdbx_struct_sheet_hbond.range_1_label_comp_id 
_pdbx_struct_sheet_hbond.range_1_label_asym_id 
_pdbx_struct_sheet_hbond.range_1_label_seq_id 
_pdbx_struct_sheet_hbond.range_1_PDB_ins_code 
_pdbx_struct_sheet_hbond.range_1_auth_atom_id 
_pdbx_struct_sheet_hbond.range_1_auth_comp_id 
_pdbx_struct_sheet_hbond.range_1_auth_asym_id 
_pdbx_struct_sheet_hbond.range_1_auth_seq_id 
_pdbx_struct_sheet_hbond.range_2_label_atom_id 
_pdbx_struct_sheet_hbond.range_2_label_comp_id 
_pdbx_struct_sheet_hbond.range_2_label_asym_id 
_pdbx_struct_sheet_hbond.range_2_label_seq_id 
_pdbx_struct_sheet_hbond.range_2_PDB_ins_code 
_pdbx_struct_sheet_hbond.range_2_auth_atom_id 
_pdbx_struct_sheet_hbond.range_2_auth_comp_id 
_pdbx_struct_sheet_hbond.range_2_auth_asym_id 
_pdbx_struct_sheet_hbond.range_2_auth_seq_id 
AA1 1 2 N VAL A 5  ? N VAL C 5  O LEU A 15 ? O LEU C 15 
AA1 2 3 N GLY A 14 ? N GLY C 14 O ILE B 12 ? O ILE A 12 
AA1 3 4 O ILE B 13 ? O ILE A 13 N PHE B 7  ? N PHE A 7  
# 
_struct_site.id                   AC1 
_struct_site.pdbx_evidence_code   Software 
_struct_site.pdbx_auth_asym_id    A 
_struct_site.pdbx_auth_comp_id    IOD 
_struct_site.pdbx_auth_seq_id     101 
_struct_site.pdbx_auth_ins_code   ? 
_struct_site.pdbx_num_residues    2 
_struct_site.details              'binding site for residue IOD A 101' 
# 
loop_
_struct_site_gen.id 
_struct_site_gen.site_id 
_struct_site_gen.pdbx_num_res 
_struct_site_gen.label_comp_id 
_struct_site_gen.label_asym_id 
_struct_site_gen.label_seq_id 
_struct_site_gen.pdbx_auth_ins_code 
_struct_site_gen.auth_comp_id 
_struct_site_gen.auth_asym_id 
_struct_site_gen.auth_seq_id 
_struct_site_gen.label_atom_id 
_struct_site_gen.label_alt_id 
_struct_site_gen.symmetry 
_struct_site_gen.details 
1 AC1 2 LYS B 3 ? LYS A 3 . ? 1_555  ? 
2 AC1 2 LYS B 3 ? LYS A 3 . ? 28_557 ? 
# 
_atom_sites.entry_id                    6VU4 
_atom_sites.Cartn_transf_matrix[1][1]   ? 
_atom_sites.Cartn_transf_matrix[1][2]   ? 
_atom_sites.Cartn_transf_matrix[1][3]   ? 
_atom_sites.Cartn_transf_matrix[2][1]   ? 
_atom_sites.Cartn_transf_matrix[2][2]   ? 
_atom_sites.Cartn_transf_matrix[2][3]   ? 
_atom_sites.Cartn_transf_matrix[3][1]   ? 
_atom_sites.Cartn_transf_matrix[3][2]   ? 
_atom_sites.Cartn_transf_matrix[3][3]   ? 
_atom_sites.Cartn_transf_vector[1]      ? 
_atom_sites.Cartn_transf_vector[2]      ? 
_atom_sites.Cartn_transf_vector[3]      ? 
_atom_sites.fract_transf_matrix[1][1]   -0.00327574 
_atom_sites.fract_transf_matrix[1][2]   -0.00399406 
_atom_sites.fract_transf_matrix[1][3]   0.00893648 
_atom_sites.fract_transf_matrix[2][1]   0.00895360 
_atom_sites.fract_transf_matrix[2][2]   0.00258549 
_atom_sites.fract_transf_matrix[2][3]   0.00443756 
_atom_sites.fract_transf_matrix[3][1]   -0.00395554 
_atom_sites.fract_transf_matrix[3][2]   0.00916005 
_atom_sites.fract_transf_matrix[3][3]   0.00264405 
_atom_sites.fract_transf_vector[1]      1.171442 
_atom_sites.fract_transf_vector[2]      0.321704 
_atom_sites.fract_transf_vector[3]      1.084065 
_atom_sites.solution_primary            ? 
_atom_sites.solution_secondary          ? 
_atom_sites.solution_hydrogens          ? 
_atom_sites.special_details             ? 
# 
loop_
_atom_type.symbol 
C  
CL 
H  
I  
N  
O  
S  
# 
loop_
_atom_site.group_PDB 
_atom_site.id 
_atom_site.type_symbol 
_atom_site.label_atom_id 
_atom_site.label_alt_id 
_atom_site.label_comp_id 
_atom_site.label_asym_id 
_atom_site.label_entity_id 
_atom_site.label_seq_id 
_atom_site.pdbx_PDB_ins_code 
_atom_site.Cartn_x 
_atom_site.Cartn_y 
_atom_site.Cartn_z 
_atom_site.occupancy 
_atom_site.B_iso_or_equiv 
_atom_site.pdbx_formal_charge 
_atom_site.auth_seq_id 
_atom_site.auth_comp_id 
_atom_site.auth_asym_id 
_atom_site.auth_atom_id 
_atom_site.pdbx_PDB_model_num 
ATOM   1   N  N    . HIS A 1 1  ? 14.563  1.993   11.649  1.00 40.60  ? 1   HIS C N    1 
ATOM   2   C  CA   . HIS A 1 1  ? 13.567  2.298   10.581  1.00 38.52  ? 1   HIS C CA   1 
ATOM   3   C  C    . HIS A 1 1  ? 13.703  1.327   9.414   1.00 18.88  ? 1   HIS C C    1 
ATOM   4   O  O    . HIS A 1 1  ? 14.654  0.545   9.345   1.00 25.69  ? 1   HIS C O    1 
ATOM   5   C  CB   . HIS A 1 1  ? 13.735  3.736   10.074  1.00 41.32  ? 1   HIS C CB   1 
ATOM   6   C  CG   . HIS A 1 1  ? 13.281  4.781   11.043  1.00 59.61  ? 1   HIS C CG   1 
ATOM   7   N  ND1  . HIS A 1 1  ? 14.074  5.238   12.074  1.00 45.90  ? 1   HIS C ND1  1 
ATOM   8   C  CD2  . HIS A 1 1  ? 12.117  5.466   11.132  1.00 52.50  ? 1   HIS C CD2  1 
ATOM   9   C  CE1  . HIS A 1 1  ? 13.416  6.155   12.759  1.00 59.10  ? 1   HIS C CE1  1 
ATOM   10  N  NE2  . HIS A 1 1  ? 12.226  6.313   12.208  1.00 59.93  ? 1   HIS C NE2  1 
ATOM   11  H  H1   . HIS A 1 1  ? 15.076  2.706   11.789  1.00 48.86  ? 1   HIS C H1   1 
ATOM   12  H  H2   . HIS A 1 1  ? 14.135  1.783   12.401  1.00 48.86  ? 1   HIS C H2   1 
ATOM   13  H  H3   . HIS A 1 1  ? 15.070  1.308   11.394  1.00 48.86  ? 1   HIS C H3   1 
ATOM   14  H  HA   . HIS A 1 1  ? 12.677  2.210   10.955  1.00 46.36  ? 1   HIS C HA   1 
ATOM   15  H  HB2  . HIS A 1 1  ? 14.675  3.893   9.889   1.00 49.72  ? 1   HIS C HB2  1 
ATOM   16  H  HB3  . HIS A 1 1  ? 13.216  3.841   9.261   1.00 49.72  ? 1   HIS C HB3  1 
ATOM   17  H  HD2  . HIS A 1 1  ? 11.381  5.381   10.570  1.00 63.13  ? 1   HIS C HD2  1 
ATOM   18  H  HE1  . HIS A 1 1  ? 13.736  6.611   13.503  1.00 71.05  ? 1   HIS C HE1  1 
ATOM   19  H  HE2  . HIS A 1 1  ? 11.618  6.858   12.479  1.00 72.05  ? 1   HIS C HE2  1 
HETATM 20  N  N    . ORN A 1 2  ? 12.737  1.389   8.504   1.00 21.73  ? 2   ORN C N    1 
HETATM 21  C  CA   . ORN A 1 2  ? 12.782  0.707   7.396   1.00 21.88  ? 2   ORN C CA   1 
HETATM 22  C  CB   . ORN A 1 2  ? 12.034  -0.606  7.496   1.00 27.83  ? 2   ORN C CB   1 
HETATM 23  C  CG   . ORN A 1 2  ? 12.841  -1.697  8.182   1.00 30.69  ? 2   ORN C CG   1 
HETATM 24  C  CD   . ORN A 1 2  ? 13.912  -2.275  7.277   1.00 29.13  ? 2   ORN C CD   1 
HETATM 25  N  NE   . ORN A 1 2  ? 13.287  -2.794  6.100   1.00 23.81  ? 2   ORN C NE   1 
HETATM 26  C  C    . ORN A 1 2  ? 12.393  1.511   6.391   1.00 22.16  ? 2   ORN C C    1 
HETATM 27  O  O    . ORN A 1 2  ? 11.579  2.389   6.598   1.00 27.19  ? 2   ORN C O    1 
HETATM 28  H  H    . ORN A 1 2  ? 12.003  1.920   8.632   1.00 26.20  ? 2   ORN C H    1 
HETATM 29  H  HA   . ORN A 1 2  ? 13.712  0.426   7.256   1.00 26.39  ? 2   ORN C HA   1 
HETATM 30  H  HB2  . ORN A 1 2  ? 11.211  -0.458  8.004   1.00 33.53  ? 2   ORN C HB2  1 
HETATM 31  H  HB3  . ORN A 1 2  ? 11.809  -0.906  6.592   1.00 33.53  ? 2   ORN C HB3  1 
HETATM 32  H  HG2  . ORN A 1 2  ? 13.270  -1.318  8.975   1.00 36.97  ? 2   ORN C HG2  1 
HETATM 33  H  HG3  . ORN A 1 2  ? 12.235  -2.415  8.452   1.00 36.97  ? 2   ORN C HG3  1 
HETATM 34  H  HD2  . ORN A 1 2  ? 14.550  -1.574  7.029   1.00 35.08  ? 2   ORN C HD2  1 
HETATM 35  H  HD3  . ORN A 1 2  ? 14.385  -2.996  7.743   1.00 35.08  ? 2   ORN C HD3  1 
HETATM 36  H  HE1  . ORN A 1 2  ? 12.479  -3.161  6.332   1.00 28.71  ? 2   ORN C HE1  1 
ATOM   37  N  N    . LYS A 1 3  ? 12.944  1.300   5.200   1.00 24.23  ? 3   LYS C N    1 
ATOM   38  C  CA   . LYS A 1 3  ? 12.514  2.041   4.020   1.00 24.23  ? 3   LYS C CA   1 
ATOM   39  C  C    . LYS A 1 3  ? 11.174  1.494   3.542   1.00 26.30  ? 3   LYS C C    1 
ATOM   40  O  O    . LYS A 1 3  ? 10.970  0.281   3.517   1.00 23.12  ? 3   LYS C O    1 
ATOM   41  C  CB   . LYS A 1 3  ? 13.558  1.945   2.905   1.00 28.67  ? 3   LYS C CB   1 
ATOM   42  C  CG   . LYS A 1 3  ? 13.196  2.700   1.631   1.00 56.43  ? 3   LYS C CG   1 
ATOM   43  C  CD   . LYS A 1 3  ? 13.104  4.201   1.869   1.00 50.05  ? 3   LYS C CD   1 
ATOM   44  C  CE   . LYS A 1 3  ? 14.006  4.977   0.920   1.00 54.86  ? 3   LYS C CE   1 
ATOM   45  N  NZ   . LYS A 1 3  ? 13.494  4.973   -0.480  1.00 57.52  ? 3   LYS C NZ   1 
ATOM   46  H  H    . LYS A 1 3  ? 13.571  0.731   5.048   1.00 29.20  ? 3   LYS C H    1 
ATOM   47  H  HA   . LYS A 1 3  ? 12.414  2.981   4.237   1.00 29.20  ? 3   LYS C HA   1 
ATOM   48  H  HB2  . LYS A 1 3  ? 14.395  2.309   3.234   1.00 34.54  ? 3   LYS C HB2  1 
ATOM   49  H  HB3  . LYS A 1 3  ? 13.673  1.011   2.669   1.00 34.54  ? 3   LYS C HB3  1 
ATOM   50  H  HG2  . LYS A 1 3  ? 13.877  2.541   0.959   1.00 67.84  ? 3   LYS C HG2  1 
ATOM   51  H  HG3  . LYS A 1 3  ? 12.335  2.391   1.309   1.00 67.84  ? 3   LYS C HG3  1 
ATOM   52  H  HD2  . LYS A 1 3  ? 12.190  4.494   1.728   1.00 60.20  ? 3   LYS C HD2  1 
ATOM   53  H  HD3  . LYS A 1 3  ? 13.378  4.398   2.779   1.00 60.20  ? 3   LYS C HD3  1 
ATOM   54  H  HE2  . LYS A 1 3  ? 14.063  5.898   1.218   1.00 65.97  ? 3   LYS C HE2  1 
ATOM   55  H  HE3  . LYS A 1 3  ? 14.888  4.574   0.919   1.00 65.97  ? 3   LYS C HE3  1 
ATOM   56  H  HZ1  . LYS A 1 3  ? 14.047  5.429   -1.008  1.00 69.15  ? 3   LYS C HZ1  1 
ATOM   57  H  HZ2  . LYS A 1 3  ? 13.432  4.137   -0.779  1.00 69.15  ? 3   LYS C HZ2  1 
ATOM   58  H  HZ3  . LYS A 1 3  ? 12.689  5.350   -0.510  1.00 69.15  ? 3   LYS C HZ3  1 
ATOM   59  N  N    . LEU A 1 4  ? 10.265  2.391   3.168   1.00 18.99  ? 4   LEU C N    1 
ATOM   60  C  CA   . LEU A 1 4  ? 8.948   2.011   2.674   1.00 21.86  ? 4   LEU C CA   1 
ATOM   61  C  C    . LEU A 1 4  ? 8.945   2.104   1.153   1.00 33.37  ? 4   LEU C C    1 
ATOM   62  O  O    . LEU A 1 4  ? 9.215   3.171   0.591   1.00 31.49  ? 4   LEU C O    1 
ATOM   63  C  CB   . LEU A 1 4  ? 7.863   2.903   3.274   1.00 26.33  ? 4   LEU C CB   1 
ATOM   64  C  CG   . LEU A 1 4  ? 6.413   2.533   2.954   1.00 34.15  ? 4   LEU C CG   1 
ATOM   65  C  CD1  . LEU A 1 4  ? 6.130   1.076   3.286   1.00 35.22  ? 4   LEU C CD1  1 
ATOM   66  C  CD2  . LEU A 1 4  ? 5.455   3.451   3.703   1.00 24.80  ? 4   LEU C CD2  1 
ATOM   67  H  H    . LEU A 1 4  ? 10.393  3.240   3.194   1.00 22.92  ? 4   LEU C H    1 
ATOM   68  H  HA   . LEU A 1 4  ? 8.758   1.093   2.925   1.00 26.36  ? 4   LEU C HA   1 
ATOM   69  H  HB2  . LEU A 1 4  ? 7.955   2.880   4.240   1.00 31.73  ? 4   LEU C HB2  1 
ATOM   70  H  HB3  . LEU A 1 4  ? 8.004   3.806   2.950   1.00 31.73  ? 4   LEU C HB3  1 
ATOM   71  H  HG   . LEU A 1 4  ? 6.265   2.648   2.002   1.00 41.11  ? 4   LEU C HG   1 
ATOM   72  H  HD11 . LEU A 1 4  ? 5.174   0.920   3.234   1.00 42.39  ? 4   LEU C HD11 1 
ATOM   73  H  HD12 . LEU A 1 4  ? 6.592   0.511   2.646   1.00 42.39  ? 4   LEU C HD12 1 
ATOM   74  H  HD13 . LEU A 1 4  ? 6.448   0.889   4.183   1.00 42.39  ? 4   LEU C HD13 1 
ATOM   75  H  HD21 . LEU A 1 4  ? 4.546   3.147   3.555   1.00 29.89  ? 4   LEU C HD21 1 
ATOM   76  H  HD22 . LEU A 1 4  ? 5.666   3.420   4.650   1.00 29.89  ? 4   LEU C HD22 1 
ATOM   77  H  HD23 . LEU A 1 4  ? 5.561   4.355   3.370   1.00 29.89  ? 4   LEU C HD23 1 
ATOM   78  N  N    . VAL A 1 5  ? 8.639   0.989   0.495   1.00 23.10  ? 5   VAL C N    1 
ATOM   79  C  CA   . VAL A 1 5  ? 8.682   0.902   -0.961  1.00 28.44  ? 5   VAL C CA   1 
ATOM   80  C  C    . VAL A 1 5  ? 7.281   0.589   -1.495  1.00 26.58  ? 5   VAL C C    1 
ATOM   81  O  O    . VAL A 1 5  ? 6.667   -0.379  -1.049  1.00 29.80  ? 5   VAL C O    1 
ATOM   82  C  CB   . VAL A 1 5  ? 9.694   -0.171  -1.412  1.00 29.13  ? 5   VAL C CB   1 
ATOM   83  C  CG1  . VAL A 1 5  ? 9.978   -0.061  -2.901  1.00 40.61  ? 5   VAL C CG1  1 
ATOM   84  C  CG2  . VAL A 1 5  ? 10.984  -0.056  -0.612  1.00 44.20  ? 5   VAL C CG2  1 
ATOM   85  H  H    . VAL A 1 5  ? 8.398   0.257   0.875   1.00 27.86  ? 5   VAL C H    1 
ATOM   86  H  HA   . VAL A 1 5  ? 8.969   1.751   -1.331  1.00 34.26  ? 5   VAL C HA   1 
ATOM   87  H  HB   . VAL A 1 5  ? 9.310   -1.046  -1.248  1.00 35.09  ? 5   VAL C HB   1 
ATOM   88  H  HG11 . VAL A 1 5  ? 10.602  -0.759  -3.157  1.00 48.86  ? 5   VAL C HG11 1 
ATOM   89  H  HG12 . VAL A 1 5  ? 9.147   -0.165  -3.390  1.00 48.86  ? 5   VAL C HG12 1 
ATOM   90  H  HG13 . VAL A 1 5  ? 10.364  0.810   -3.086  1.00 48.86  ? 5   VAL C HG13 1 
ATOM   91  H  HG21 . VAL A 1 5  ? 11.665  -0.609  -1.027  1.00 53.17  ? 5   VAL C HG21 1 
ATOM   92  H  HG22 . VAL A 1 5  ? 11.270  0.871   -0.605  1.00 53.17  ? 5   VAL C HG22 1 
ATOM   93  H  HG23 . VAL A 1 5  ? 10.821  -0.357  0.296   1.00 53.17  ? 5   VAL C HG23 1 
HETATM 94  C  C1   . MEA A 1 6  ? 7.480   2.406   -3.178  1.00 30.80  ? 6   MEA C C1   1 
HETATM 95  N  N    . MEA A 1 6  ? 6.771   1.380   -2.444  1.00 21.95  ? 6   MEA C N    1 
HETATM 96  C  CA   . MEA A 1 6  ? 5.390   1.184   -2.897  1.00 15.73  ? 6   MEA C CA   1 
HETATM 97  C  C    . MEA A 1 6  ? 5.315   0.597   -4.308  1.00 22.40  ? 6   MEA C C    1 
HETATM 98  O  O    . MEA A 1 6  ? 6.070   0.908   -5.232  1.00 21.42  ? 6   MEA C O    1 
HETATM 99  C  CB   . MEA A 1 6  ? 4.550   2.479   -2.885  1.00 25.96  ? 6   MEA C CB   1 
HETATM 100 C  CG   . MEA A 1 6  ? 4.152   2.905   -1.518  1.00 26.93  ? 6   MEA C CG   1 
HETATM 101 C  CD1  . MEA A 1 6  ? 4.814   3.962   -0.884  1.00 22.98  ? 6   MEA C CD1  1 
HETATM 102 C  CE1  . MEA A 1 6  ? 4.434   4.364   0.395   1.00 26.13  ? 6   MEA C CE1  1 
HETATM 103 C  CZ   . MEA A 1 6  ? 3.388   3.715   1.050   1.00 21.84  ? 6   MEA C CZ   1 
HETATM 104 C  CE2  . MEA A 1 6  ? 2.722   2.661   0.421   1.00 26.26  ? 6   MEA C CE2  1 
HETATM 105 C  CD2  . MEA A 1 6  ? 3.102   2.259   -0.859  1.00 26.35  ? 6   MEA C CD2  1 
HETATM 106 H  HC1  . MEA A 1 6  ? 7.592   3.313   -2.523  1.00 37.10  ? 6   MEA C HC1  1 
HETATM 107 H  HC2  . MEA A 1 6  ? 8.494   2.015   -3.467  1.00 37.10  ? 6   MEA C HC2  1 
HETATM 108 H  HC3  . MEA A 1 6  ? 6.894   2.668   -4.100  1.00 37.10  ? 6   MEA C HC3  1 
HETATM 109 H  HA   . MEA A 1 6  ? 4.906   0.388   -2.245  1.00 19.01  ? 6   MEA C HA   1 
HETATM 110 H  HB1  . MEA A 1 6  ? 3.633   2.316   -3.512  1.00 31.28  ? 6   MEA C HB1  1 
HETATM 111 H  HB2  . MEA A 1 6  ? 5.145   3.295   -3.377  1.00 31.28  ? 6   MEA C HB2  1 
HETATM 112 H  HD1  . MEA A 1 6  ? 5.637   4.479   -1.399  1.00 27.70  ? 6   MEA C HD1  1 
HETATM 113 H  HE1  . MEA A 1 6  ? 4.961   5.194   0.888   1.00 31.49  ? 6   MEA C HE1  1 
HETATM 114 H  HZ   . MEA A 1 6  ? 3.087   4.032   2.058   1.00 26.34  ? 6   MEA C HZ   1 
HETATM 115 H  HE2  . MEA A 1 6  ? 1.897   2.147   0.936   1.00 31.64  ? 6   MEA C HE2  1 
HETATM 116 H  HD2  . MEA A 1 6  ? 2.573   1.430   -1.355  1.00 31.76  ? 6   MEA C HD2  1 
ATOM   117 N  N    . PHE A 1 7  ? 4.341   -0.297  -4.464  1.00 21.47  ? 7   PHE C N    1 
ATOM   118 C  CA   . PHE A 1 7  ? 4.017   -0.897  -5.756  1.00 26.52  ? 7   PHE C CA   1 
ATOM   119 C  C    . PHE A 1 7  ? 2.507   -0.853  -5.961  1.00 29.17  ? 7   PHE C C    1 
ATOM   120 O  O    . PHE A 1 7  ? 1.757   -0.666  -5.003  1.00 27.24  ? 7   PHE C O    1 
ATOM   121 C  CB   . PHE A 1 7  ? 4.519   -2.339  -5.833  1.00 25.36  ? 7   PHE C CB   1 
ATOM   122 C  CG   . PHE A 1 7  ? 6.008   -2.469  -5.715  1.00 24.61  ? 7   PHE C CG   1 
ATOM   123 C  CD1  . PHE A 1 7  ? 6.804   -2.511  -6.846  1.00 24.72  ? 7   PHE C CD1  1 
ATOM   124 C  CD2  . PHE A 1 7  ? 6.613   -2.554  -4.473  1.00 25.70  ? 7   PHE C CD2  1 
ATOM   125 C  CE1  . PHE A 1 7  ? 8.177   -2.634  -6.741  1.00 32.02  ? 7   PHE C CE1  1 
ATOM   126 C  CE2  . PHE A 1 7  ? 7.985   -2.678  -4.362  1.00 26.65  ? 7   PHE C CE2  1 
ATOM   127 C  CZ   . PHE A 1 7  ? 8.766   -2.717  -5.497  1.00 35.60  ? 7   PHE C CZ   1 
ATOM   128 H  H    . PHE A 1 7  ? 3.843   -0.578  -3.822  1.00 25.90  ? 7   PHE C H    1 
ATOM   129 H  HA   . PHE A 1 7  ? 4.455   -0.406  -6.469  1.00 31.96  ? 7   PHE C HA   1 
ATOM   130 H  HB2  . PHE A 1 7  ? 4.120   -2.848  -5.110  1.00 30.57  ? 7   PHE C HB2  1 
ATOM   131 H  HB3  . PHE A 1 7  ? 4.256   -2.715  -6.689  1.00 30.57  ? 7   PHE C HB3  1 
ATOM   132 H  HD1  . PHE A 1 7  ? 6.411   -2.457  -7.687  1.00 29.80  ? 7   PHE C HD1  1 
ATOM   133 H  HD2  . PHE A 1 7  ? 6.090   -2.527  -3.704  1.00 30.97  ? 7   PHE C HD2  1 
ATOM   134 H  HE1  . PHE A 1 7  ? 8.702   -2.659  -7.508  1.00 38.56  ? 7   PHE C HE1  1 
ATOM   135 H  HE2  . PHE A 1 7  ? 8.380   -2.735  -3.521  1.00 32.12  ? 7   PHE C HE2  1 
ATOM   136 H  HZ   . PHE A 1 7  ? 9.690   -2.800  -5.424  1.00 42.86  ? 7   PHE C HZ   1 
ATOM   137 N  N    . ALA A 1 8  ? 2.057   -1.038  -7.201  1.00 27.29  ? 8   ALA C N    1 
ATOM   138 C  CA   . ALA A 1 8  ? 0.642   -0.905  -7.513  1.00 32.60  ? 8   ALA C CA   1 
ATOM   139 C  C    . ALA A 1 8  ? 0.253   -1.877  -8.615  1.00 45.20  ? 8   ALA C C    1 
ATOM   140 O  O    . ALA A 1 8  ? 1.083   -2.273  -9.437  1.00 38.86  ? 8   ALA C O    1 
ATOM   141 C  CB   . ALA A 1 8  ? 0.301   0.525   -7.946  1.00 35.50  ? 8   ALA C CB   1 
ATOM   142 H  H    . ALA A 1 8  ? 2.553   -1.240  -7.875  1.00 32.88  ? 8   ALA C H    1 
ATOM   143 H  HA   . ALA A 1 8  ? 0.127   -1.134  -6.723  1.00 39.25  ? 8   ALA C HA   1 
ATOM   144 H  HB1  . ALA A 1 8  ? -0.660  0.602   -8.052  1.00 42.74  ? 8   ALA C HB1  1 
ATOM   145 H  HB2  . ALA A 1 8  ? 0.608   1.143   -7.264  1.00 42.74  ? 8   ALA C HB2  1 
ATOM   146 H  HB3  . ALA A 1 8  ? 0.743   0.714   -8.787  1.00 42.74  ? 8   ALA C HB3  1 
ATOM   147 N  N    A GLU A 1 9  ? -1.021  -2.259  -8.621  0.65 49.43  ? 9   GLU C N    1 
ATOM   148 N  N    B GLU A 1 9  ? -1.024  -2.255  -8.622  0.35 49.54  ? 9   GLU C N    1 
ATOM   149 C  CA   A GLU A 1 9  ? -1.582  -3.067  -9.700  0.65 61.80  ? 9   GLU C CA   1 
ATOM   150 C  CA   B GLU A 1 9  ? -1.585  -3.094  -9.677  0.35 61.72  ? 9   GLU C CA   1 
ATOM   151 C  C    A GLU A 1 9  ? -3.101  -3.145  -9.581  0.65 66.09  ? 9   GLU C C    1 
ATOM   152 C  C    B GLU A 1 9  ? -3.108  -3.157  -9.578  0.35 66.09  ? 9   GLU C C    1 
ATOM   153 O  O    A GLU A 1 9  ? -3.639  -3.323  -8.489  0.65 69.12  ? 9   GLU C O    1 
ATOM   154 O  O    B GLU A 1 9  ? -3.660  -3.334  -8.492  0.35 69.02  ? 9   GLU C O    1 
ATOM   155 C  CB   A GLU A 1 9  ? -0.990  -4.476  -9.695  0.65 59.08  ? 9   GLU C CB   1 
ATOM   156 C  CB   B GLU A 1 9  ? -0.997  -4.511  -9.615  0.35 59.05  ? 9   GLU C CB   1 
ATOM   157 C  CG   A GLU A 1 9  ? -1.297  -5.259  -10.961 0.65 54.92  ? 9   GLU C CG   1 
ATOM   158 C  CG   B GLU A 1 9  ? -1.349  -5.301  -8.352  0.35 59.86  ? 9   GLU C CG   1 
ATOM   159 C  CD   A GLU A 1 9  ? -0.630  -6.617  -10.988 0.65 59.33  ? 9   GLU C CD   1 
ATOM   160 C  CD   B GLU A 1 9  ? -1.309  -6.803  -8.569  0.35 68.92  ? 9   GLU C CD   1 
ATOM   161 O  OE1  A GLU A 1 9  ? 0.603   -6.681  -10.803 0.65 45.70  ? 9   GLU C OE1  1 
ATOM   162 O  OE1  B GLU A 1 9  ? -1.584  -7.256  -9.700  0.35 64.63  ? 9   GLU C OE1  1 
ATOM   163 O  OE2  A GLU A 1 9  ? -1.341  -7.622  -11.200 0.65 60.23  ? 9   GLU C OE2  1 
ATOM   164 O  OE2  B GLU A 1 9  ? -1.004  -7.534  -7.602  0.35 70.20  ? 9   GLU C OE2  1 
ATOM   165 H  H    A GLU A 1 9  ? -1.588  -2.060  -8.005  0.65 59.45  ? 9   GLU C H    1 
ATOM   166 H  H    B GLU A 1 9  ? -1.595  -2.035  -8.018  0.35 59.58  ? 9   GLU C H    1 
ATOM   167 H  HA   A GLU A 1 9  ? -1.358  -2.654  -10.548 0.65 74.29  ? 9   GLU C HA   1 
ATOM   168 H  HA   B GLU A 1 9  ? -1.351  -2.711  -10.537 0.35 74.20  ? 9   GLU C HA   1 
ATOM   169 H  HB2  A GLU A 1 9  ? -0.025  -4.411  -9.611  0.65 71.02  ? 9   GLU C HB2  1 
ATOM   170 H  HB2  B GLU A 1 9  ? -1.329  -5.014  -10.375 0.35 70.99  ? 9   GLU C HB2  1 
ATOM   171 H  HB3  A GLU A 1 9  ? -1.355  -4.968  -8.944  0.65 71.02  ? 9   GLU C HB3  1 
ATOM   172 H  HB3  B GLU A 1 9  ? -0.031  -4.444  -9.658  0.35 70.99  ? 9   GLU C HB3  1 
ATOM   173 H  HG2  A GLU A 1 9  ? -2.255  -5.394  -11.024 0.65 66.03  ? 9   GLU C HG2  1 
ATOM   174 H  HG2  B GLU A 1 9  ? -0.712  -5.082  -7.654  0.35 71.96  ? 9   GLU C HG2  1 
ATOM   175 H  HG3  A GLU A 1 9  ? -0.982  -4.756  -11.728 0.65 66.03  ? 9   GLU C HG3  1 
ATOM   176 H  HG3  B GLU A 1 9  ? -2.246  -5.062  -8.070  0.35 71.96  ? 9   GLU C HG3  1 
HETATM 177 N  N    . ORN A 1 10 ? -7.939  -2.668  -8.174  1.00 66.53  ? 10  ORN C N    1 
HETATM 178 C  CA   . ORN A 1 10 ? -6.470  -2.571  -7.948  1.00 68.66  ? 10  ORN C CA   1 
HETATM 179 C  CB   . ORN A 1 10 ? -5.858  -1.456  -8.822  1.00 82.93  ? 10  ORN C CB   1 
HETATM 180 C  CG   . ORN A 1 10 ? -5.903  -1.723  -10.349 1.00 88.85  ? 10  ORN C CG   1 
HETATM 181 C  CD   . ORN A 1 10 ? -5.264  -3.068  -10.791 1.00 78.90  ? 10  ORN C CD   1 
HETATM 182 N  NE   . ORN A 1 10 ? -3.807  -3.014  -10.757 1.00 79.71  ? 10  ORN C NE   1 
HETATM 183 C  C    . ORN A 1 10 ? -6.159  -2.305  -6.457  1.00 51.82  ? 10  ORN C C    1 
HETATM 184 O  O    . ORN A 1 10 ? -7.051  -2.070  -5.638  1.00 48.42  ? 10  ORN C O    1 
HETATM 185 H  H    . ORN A 1 10 ? -8.431  -3.228  -7.474  1.00 79.97  ? 10  ORN C H    1 
HETATM 186 H  HA   . ORN A 1 10 ? -6.063  -3.555  -8.200  1.00 82.52  ? 10  ORN C HA   1 
HETATM 187 H  HB2  . ORN A 1 10 ? -4.803  -1.335  -8.542  1.00 99.65  ? 10  ORN C HB2  1 
HETATM 188 H  HB3  . ORN A 1 10 ? -6.414  -0.526  -8.636  1.00 99.65  ? 10  ORN C HB3  1 
HETATM 189 H  HG2  . ORN A 1 10 ? -5.381  -0.906  -10.861 1.00 106.75 ? 10  ORN C HG2  1 
HETATM 190 H  HG3  . ORN A 1 10 ? -6.950  -1.712  -10.673 1.00 106.75 ? 10  ORN C HG3  1 
HETATM 191 H  HD2  . ORN A 1 10 ? -5.585  -3.290  -11.813 1.00 94.81  ? 10  ORN C HD2  1 
HETATM 192 H  HD3  . ORN A 1 10 ? -5.603  -3.857  -10.113 1.00 94.81  ? 10  ORN C HD3  1 
HETATM 193 H  HE1  . ORN A 1 10 ? -3.359  -2.870  -11.660 1.00 95.78  ? 10  ORN C HE1  1 
ATOM   194 N  N    . ALA A 1 11 ? -4.831  -2.353  -6.111  1.00 51.44  ? 11  ALA C N    1 
ATOM   195 C  CA   . ALA A 1 11 ? -4.394  -2.129  -4.739  1.00 45.59  ? 11  ALA C CA   1 
ATOM   196 C  C    . ALA A 1 11 ? -2.919  -1.750  -4.669  1.00 37.52  ? 11  ALA C C    1 
ATOM   197 O  O    . ALA A 1 11 ? -2.080  -2.322  -5.364  1.00 43.36  ? 11  ALA C O    1 
ATOM   198 C  CB   . ALA A 1 11 ? -4.652  -3.370  -3.899  1.00 41.55  ? 11  ALA C CB   1 
ATOM   199 H  H    . ALA A 1 11 ? -4.191  -2.514  -6.662  1.00 61.86  ? 11  ALA C H    1 
ATOM   200 H  HA   . ALA A 1 11 ? -4.905  -1.391  -4.372  1.00 54.84  ? 11  ALA C HA   1 
ATOM   201 H  HB1  . ALA A 1 11 ? -4.354  -3.204  -2.991  1.00 50.00  ? 11  ALA C HB1  1 
ATOM   202 H  HB2  . ALA A 1 11 ? -5.603  -3.563  -3.904  1.00 50.00  ? 11  ALA C HB2  1 
ATOM   203 H  HB3  . ALA A 1 11 ? -4.161  -4.116  -4.277  1.00 50.00  ? 11  ALA C HB3  1 
ATOM   204 N  N    . ILE A 1 12 ? -2.619  -0.780  -3.822  1.00 31.40  ? 12  ILE C N    1 
ATOM   205 C  CA   . ILE A 1 12 ? -1.249  -0.359  -3.559  1.00 26.45  ? 12  ILE C CA   1 
ATOM   206 C  C    . ILE A 1 12 ? -0.667  -1.264  -2.487  1.00 32.59  ? 12  ILE C C    1 
ATOM   207 O  O    . ILE A 1 12 ? -1.350  -1.620  -1.519  1.00 27.28  ? 12  ILE C O    1 
ATOM   208 C  CB   . ILE A 1 12 ? -1.205  1.117   -3.121  1.00 34.67  ? 12  ILE C CB   1 
ATOM   209 C  CG1  . ILE A 1 12 ? -1.933  2.005   -4.136  1.00 37.89  ? 12  ILE C CG1  1 
ATOM   210 C  CG2  . ILE A 1 12 ? 0.233   1.567   -2.920  1.00 24.19  ? 12  ILE C CG2  1 
ATOM   211 C  CD1  . ILE A 1 12 ? -1.413  1.892   -5.545  1.00 42.35  ? 12  ILE C CD1  1 
ATOM   212 H  H    . ILE A 1 12 ? -3.205  -0.339  -3.374  1.00 37.81  ? 12  ILE C H    1 
ATOM   213 H  HA   . ILE A 1 12 ? -0.723  -0.450  -4.369  1.00 31.87  ? 12  ILE C HA   1 
ATOM   214 H  HB   . ILE A 1 12 ? -1.667  1.200   -2.273  1.00 41.73  ? 12  ILE C HB   1 
ATOM   215 H  HG12 . ILE A 1 12 ? -2.871  1.756   -4.148  1.00 45.61  ? 12  ILE C HG12 1 
ATOM   216 H  HG13 . ILE A 1 12 ? -1.840  2.930   -3.861  1.00 45.61  ? 12  ILE C HG13 1 
ATOM   217 H  HG21 . ILE A 1 12 ? 0.249   2.530   -2.810  1.00 29.17  ? 12  ILE C HG21 1 
ATOM   218 H  HG22 . ILE A 1 12 ? 0.591   1.137   -2.128  1.00 29.17  ? 12  ILE C HG22 1 
ATOM   219 H  HG23 . ILE A 1 12 ? 0.755   1.315   -3.698  1.00 29.17  ? 12  ILE C HG23 1 
ATOM   220 H  HD11 . ILE A 1 12 ? -1.868  2.542   -6.103  1.00 50.95  ? 12  ILE C HD11 1 
ATOM   221 H  HD12 . ILE A 1 12 ? -0.459  2.068   -5.545  1.00 50.95  ? 12  ILE C HD12 1 
ATOM   222 H  HD13 . ILE A 1 12 ? -1.583  0.995   -5.875  1.00 50.95  ? 12  ILE C HD13 1 
ATOM   223 N  N    . ILE A 1 13 ? 0.597   -1.639  -2.655  1.00 26.17  ? 13  ILE C N    1 
ATOM   224 C  CA   . ILE A 1 13 ? 1.304   -2.466  -1.683  1.00 25.85  ? 13  ILE C CA   1 
ATOM   225 C  C    . ILE A 1 13 ? 2.579   -1.738  -1.288  1.00 25.46  ? 13  ILE C C    1 
ATOM   226 O  O    . ILE A 1 13 ? 3.457   -1.512  -2.130  1.00 31.26  ? 13  ILE C O    1 
ATOM   227 C  CB   . ILE A 1 13 ? 1.631   -3.864  -2.234  1.00 31.58  ? 13  ILE C CB   1 
ATOM   228 C  CG1  . ILE A 1 13 ? 0.416   -4.437  -2.969  1.00 47.51  ? 13  ILE C CG1  1 
ATOM   229 C  CG2  . ILE A 1 13 ? 2.066   -4.789  -1.099  1.00 37.28  ? 13  ILE C CG2  1 
ATOM   230 C  CD1  . ILE A 1 13 ? 0.561   -5.887  -3.369  1.00 88.77  ? 13  ILE C CD1  1 
ATOM   231 H  H    . ILE A 1 13 ? 1.074   -1.421  -3.337  1.00 31.53  ? 13  ILE C H    1 
ATOM   232 H  HA   . ILE A 1 13 ? 0.753   -2.573  -0.894  1.00 31.15  ? 13  ILE C HA   1 
ATOM   233 H  HB   . ILE A 1 13 ? 2.362   -3.790  -2.867  1.00 38.03  ? 13  ILE C HB   1 
ATOM   234 H  HG12 . ILE A 1 13 ? -0.358  -4.368  -2.389  1.00 57.15  ? 13  ILE C HG12 1 
ATOM   235 H  HG13 . ILE A 1 13 ? 0.272   -3.921  -3.778  1.00 57.15  ? 13  ILE C HG13 1 
ATOM   236 H  HG21 . ILE A 1 13 ? 2.461   -5.590  -1.477  1.00 44.87  ? 13  ILE C HG21 1 
ATOM   237 H  HG22 . ILE A 1 13 ? 2.717   -4.327  -0.548  1.00 44.87  ? 13  ILE C HG22 1 
ATOM   238 H  HG23 . ILE A 1 13 ? 1.288   -5.022  -0.566  1.00 44.87  ? 13  ILE C HG23 1 
ATOM   239 H  HD11 . ILE A 1 13 ? -0.146  -6.114  -3.993  1.00 106.66 ? 13  ILE C HD11 1 
ATOM   240 H  HD12 . ILE A 1 13 ? 1.426   -6.015  -3.789  1.00 106.66 ? 13  ILE C HD12 1 
ATOM   241 H  HD13 . ILE A 1 13 ? 0.493   -6.442  -2.577  1.00 106.66 ? 13  ILE C HD13 1 
ATOM   242 N  N    . GLY A 1 14 ? 2.676   -1.366  -0.014  1.00 21.30  ? 14  GLY C N    1 
ATOM   243 C  CA   . GLY A 1 14 ? 3.876   -0.762  0.540   1.00 21.98  ? 14  GLY C CA   1 
ATOM   244 C  C    . GLY A 1 14 ? 4.603   -1.761  1.427   1.00 28.31  ? 14  GLY C C    1 
ATOM   245 O  O    . GLY A 1 14 ? 4.014   -2.323  2.353   1.00 28.85  ? 14  GLY C O    1 
ATOM   246 H  H    . GLY A 1 14 ? 2.042   -1.459  0.559   1.00 25.69  ? 14  GLY C H    1 
ATOM   247 H  HA2  . GLY A 1 14 ? 4.469   -0.489  -0.177  1.00 26.51  ? 14  GLY C HA2  1 
ATOM   248 H  HA3  . GLY A 1 14 ? 3.640   0.015   1.069   1.00 26.51  ? 14  GLY C HA3  1 
ATOM   249 N  N    . LEU A 1 15 ? 5.880   -1.982  1.121   1.00 20.10  ? 15  LEU C N    1 
ATOM   250 C  CA   . LEU A 1 15 ? 6.691   -2.940  1.857   1.00 32.83  ? 15  LEU C CA   1 
ATOM   251 C  C    . LEU A 1 15 ? 7.834   -2.226  2.567   1.00 43.58  ? 15  LEU C C    1 
ATOM   252 O  O    . LEU A 1 15 ? 8.395   -1.253  2.053   1.00 31.56  ? 15  LEU C O    1 
ATOM   253 C  CB   . LEU A 1 15 ? 7.236   -4.027  0.923   1.00 40.37  ? 15  LEU C CB   1 
ATOM   254 C  CG   . LEU A 1 15 ? 6.148   -4.813  0.187   1.00 45.60  ? 15  LEU C CG   1 
ATOM   255 C  CD1  . LEU A 1 15 ? 6.676   -5.357  -1.124  1.00 46.07  ? 15  LEU C CD1  1 
ATOM   256 C  CD2  . LEU A 1 15 ? 5.610   -5.936  1.060   1.00 46.03  ? 15  LEU C CD2  1 
ATOM   257 H  H    . LEU A 1 15 ? 6.299   -1.580  0.485   1.00 24.25  ? 15  LEU C H    1 
ATOM   258 H  HA   . LEU A 1 15 ? 6.149   -3.370  2.537   1.00 39.53  ? 15  LEU C HA   1 
ATOM   259 H  HB2  . LEU A 1 15 ? 7.802   -3.609  0.256   1.00 48.58  ? 15  LEU C HB2  1 
ATOM   260 H  HB3  . LEU A 1 15 ? 7.753   -4.657  1.449   1.00 48.58  ? 15  LEU C HB3  1 
ATOM   261 H  HG   . LEU A 1 15 ? 5.411   -4.216  -0.014  1.00 54.85  ? 15  LEU C HG   1 
ATOM   262 H  HD11 . LEU A 1 15 ? 5.994   -5.915  -1.533  1.00 55.42  ? 15  LEU C HD11 1 
ATOM   263 H  HD12 . LEU A 1 15 ? 6.892   -4.615  -1.710  1.00 55.42  ? 15  LEU C HD12 1 
ATOM   264 H  HD13 . LEU A 1 15 ? 7.472   -5.883  -0.950  1.00 55.42  ? 15  LEU C HD13 1 
ATOM   265 H  HD21 . LEU A 1 15 ? 4.903   -6.397  0.582   1.00 55.37  ? 15  LEU C HD21 1 
ATOM   266 H  HD22 . LEU A 1 15 ? 6.331   -6.552  1.261   1.00 55.37  ? 15  LEU C HD22 1 
ATOM   267 H  HD23 . LEU A 1 15 ? 5.260   -5.556  1.882   1.00 55.37  ? 15  LEU C HD23 1 
ATOM   268 N  N    . MET A 1 16 ? 8.178   -2.739  3.748   1.00 35.33  ? 16  MET C N    1 
ATOM   269 C  CA   . MET A 1 16 ? 9.109   -2.090  4.672   1.00 34.22  ? 16  MET C CA   1 
ATOM   270 C  C    . MET A 1 16 ? 10.458  -2.797  4.585   1.00 39.66  ? 16  MET C C    1 
ATOM   271 O  O    . MET A 1 16 ? 10.705  -3.788  5.271   1.00 41.62  ? 16  MET C O    1 
ATOM   272 C  CB   . MET A 1 16 ? 8.558   -2.121  6.094   1.00 37.07  ? 16  MET C CB   1 
ATOM   273 C  CG   . MET A 1 16 ? 7.679   -0.940  6.450   1.00 42.41  ? 16  MET C CG   1 
ATOM   274 S  SD   . MET A 1 16 ? 6.968   -1.135  8.097   1.00 83.58  ? 16  MET C SD   1 
ATOM   275 C  CE   . MET A 1 16 ? 8.418   -1.601  9.038   1.00 63.96  ? 16  MET C CE   1 
ATOM   276 H  H    . MET A 1 16 ? 7.876   -3.487  4.045   1.00 42.53  ? 16  MET C H    1 
ATOM   277 H  HA   . MET A 1 16 ? 9.221   -1.167  4.396   1.00 41.20  ? 16  MET C HA   1 
ATOM   278 H  HB2  . MET A 1 16 ? 8.027   -2.926  6.203   1.00 44.61  ? 16  MET C HB2  1 
ATOM   279 H  HB3  . MET A 1 16 ? 9.303   -2.130  6.715   1.00 44.61  ? 16  MET C HB3  1 
ATOM   280 H  HG2  . MET A 1 16 ? 8.209   -0.128  6.439   1.00 51.02  ? 16  MET C HG2  1 
ATOM   281 H  HG3  . MET A 1 16 ? 6.954   -0.872  5.809   1.00 51.02  ? 16  MET C HG3  1 
ATOM   282 H  HE1  . MET A 1 16 ? 8.160   -1.750  9.961   1.00 76.88  ? 16  MET C HE1  1 
ATOM   283 H  HE2  . MET A 1 16 ? 8.791   -2.414  8.663   1.00 76.88  ? 16  MET C HE2  1 
ATOM   284 H  HE3  . MET A 1 16 ? 9.070   -0.885  8.989   1.00 76.88  ? 16  MET C HE3  1 
ATOM   285 N  N    . VAL A 1 17 ? 11.341  -2.301  3.724   1.00 25.49  ? 17  VAL C N    1 
ATOM   286 C  CA   . VAL A 1 17 ? 12.720  -2.776  3.709   1.00 24.17  ? 17  VAL C CA   1 
ATOM   287 C  C    . VAL A 1 17 ? 13.415  -2.180  4.925   1.00 21.51  ? 17  VAL C C    1 
ATOM   288 O  O    . VAL A 1 17 ? 14.079  -1.147  4.834   1.00 23.29  ? 17  VAL C O    1 
ATOM   289 C  CB   . VAL A 1 17 ? 13.451  -2.404  2.407   1.00 36.61  ? 17  VAL C CB   1 
ATOM   290 C  CG1  . VAL A 1 17 ? 14.899  -2.885  2.453   1.00 40.24  ? 17  VAL C CG1  1 
ATOM   291 C  CG2  . VAL A 1 17 ? 12.727  -2.996  1.208   1.00 37.01  ? 17  VAL C CG2  1 
ATOM   292 H  H    . VAL A 1 17 ? 11.167  -1.693  3.142   1.00 30.72  ? 17  VAL C H    1 
ATOM   293 H  HA   . VAL A 1 17 ? 12.744  -3.745  3.752   1.00 29.13  ? 17  VAL C HA   1 
ATOM   294 H  HB   . VAL A 1 17 ? 13.456  -1.439  2.310   1.00 44.07  ? 17  VAL C HB   1 
ATOM   295 H  HG11 . VAL A 1 17 ? 15.279  -2.833  1.563   1.00 48.42  ? 17  VAL C HG11 1 
ATOM   296 H  HG12 . VAL A 1 17 ? 15.401  -2.318  3.061   1.00 48.42  ? 17  VAL C HG12 1 
ATOM   297 H  HG13 . VAL A 1 17 ? 14.917  -3.802  2.768   1.00 48.42  ? 17  VAL C HG13 1 
ATOM   298 H  HG21 . VAL A 1 17 ? 13.226  -2.789  0.402   1.00 44.54  ? 17  VAL C HG21 1 
ATOM   299 H  HG22 . VAL A 1 17 ? 12.665  -3.958  1.319   1.00 44.54  ? 17  VAL C HG22 1 
ATOM   300 H  HG23 . VAL A 1 17 ? 11.838  -2.612  1.153   1.00 44.54  ? 17  VAL C HG23 1 
ATOM   301 N  N    . HIS B 1 1  ? -13.526 7.963   -10.245 1.00 70.91  ? 1   HIS A N    1 
ATOM   302 C  CA   . HIS B 1 1  ? -12.497 8.225   -9.199  1.00 44.18  ? 1   HIS A CA   1 
ATOM   303 C  C    . HIS B 1 1  ? -12.579 7.185   -8.091  1.00 26.34  ? 1   HIS A C    1 
ATOM   304 O  O    . HIS B 1 1  ? -13.639 6.606   -7.851  1.00 32.92  ? 1   HIS A O    1 
ATOM   305 C  CB   . HIS B 1 1  ? -12.673 9.626   -8.612  1.00 36.42  ? 1   HIS A CB   1 
ATOM   306 C  CG   . HIS B 1 1  ? -11.877 10.679  -9.315  1.00 47.43  ? 1   HIS A CG   1 
ATOM   307 N  ND1  . HIS B 1 1  ? -12.364 11.383  -10.396 1.00 43.74  ? 1   HIS A ND1  1 
ATOM   308 C  CD2  . HIS B 1 1  ? -10.628 11.154  -9.090  1.00 54.15  ? 1   HIS A CD2  1 
ATOM   309 C  CE1  . HIS B 1 1  ? -11.449 12.243  -10.808 1.00 49.89  ? 1   HIS A CE1  1 
ATOM   310 N  NE2  . HIS B 1 1  ? -10.386 12.124  -10.031 1.00 68.56  ? 1   HIS A NE2  1 
ATOM   311 H  H1   . HIS B 1 1  ? -13.563 8.653   -10.805 1.00 85.22  ? 1   HIS A H1   1 
ATOM   312 H  H2   . HIS B 1 1  ? -13.310 7.226   -10.696 1.00 85.22  ? 1   HIS A H2   1 
ATOM   313 H  H3   . HIS B 1 1  ? -14.320 7.851   -9.859  1.00 85.22  ? 1   HIS A H3   1 
ATOM   314 H  HA   . HIS B 1 1  ? -11.615 8.175   -9.602  1.00 53.15  ? 1   HIS A HA   1 
ATOM   315 H  HB2  . HIS B 1 1  ? -13.609 9.873   -8.671  1.00 43.83  ? 1   HIS A HB2  1 
ATOM   316 H  HB3  . HIS B 1 1  ? -12.392 9.612   -7.684  1.00 43.83  ? 1   HIS A HB3  1 
ATOM   317 H  HD2  . HIS B 1 1  ? -10.044 10.874  -8.422  1.00 65.12  ? 1   HIS A HD2  1 
ATOM   318 H  HE1  . HIS B 1 1  ? -11.537 12.832  -11.522 1.00 60.00  ? 1   HIS A HE1  1 
ATOM   319 H  HE2  . HIS B 1 1  ? -9.661  12.580  -10.104 1.00 82.40  ? 1   HIS A HE2  1 
HETATM 320 N  N    . ORN B 1 2  ? -11.451 6.949   -7.427  1.00 21.17  ? 2   ORN A N    1 
HETATM 321 C  CA   . ORN B 1 2  ? -11.413 6.133   -6.409  1.00 23.43  ? 2   ORN A CA   1 
HETATM 322 C  CB   . ORN B 1 2  ? -11.003 4.737   -6.825  1.00 25.03  ? 2   ORN A CB   1 
HETATM 323 C  CG   . ORN B 1 2  ? -12.054 4.022   -7.661  1.00 26.46  ? 2   ORN A CG   1 
HETATM 324 C  CD   . ORN B 1 2  ? -13.252 3.592   -6.828  1.00 27.93  ? 2   ORN A CD   1 
HETATM 325 N  NE   . ORN B 1 2  ? -12.813 2.690   -5.806  1.00 25.67  ? 2   ORN A NE   1 
HETATM 326 C  C    . ORN B 1 2  ? -10.672 6.658   -5.414  1.00 22.53  ? 2   ORN A C    1 
HETATM 327 O  O    . ORN B 1 2  ? -9.711  7.364   -5.658  1.00 22.66  ? 2   ORN A O    1 
HETATM 328 H  H    . ORN B 1 2  ? -10.666 7.353   -7.664  1.00 25.53  ? 2   ORN A H    1 
HETATM 329 H  HA   . ORN B 1 2  ? -12.338 6.043   -6.093  1.00 28.25  ? 2   ORN A HA   1 
HETATM 330 H  HB2  . ORN B 1 2  ? -10.836 4.209   -6.019  1.00 30.17  ? 2   ORN A HB2  1 
HETATM 331 H  HB3  . ORN B 1 2  ? -10.180 4.799   -7.350  1.00 30.17  ? 2   ORN A HB3  1 
HETATM 332 H  HG2  . ORN B 1 2  ? -12.361 4.627   -8.365  1.00 31.88  ? 2   ORN A HG2  1 
HETATM 333 H  HG3  . ORN B 1 2  ? -11.650 3.229   -8.065  1.00 31.88  ? 2   ORN A HG3  1 
HETATM 334 H  HD2  . ORN B 1 2  ? -13.906 3.143   -7.402  1.00 33.64  ? 2   ORN A HD2  1 
HETATM 335 H  HD3  . ORN B 1 2  ? -13.664 4.379   -6.416  1.00 33.64  ? 2   ORN A HD3  1 
HETATM 336 H  HE1  . ORN B 1 2  ? -12.166 2.141   -6.155  1.00 30.93  ? 2   ORN A HE1  1 
ATOM   337 N  N    . LYS B 1 3  ? -11.057 6.364   -4.177  1.00 19.31  ? 3   LYS A N    1 
ATOM   338 C  CA   . LYS B 1 3  ? -10.302 6.801   -3.010  1.00 19.55  ? 3   LYS A CA   1 
ATOM   339 C  C    . LYS B 1 3  ? -9.336  5.706   -2.573  1.00 24.45  ? 3   LYS A C    1 
ATOM   340 O  O    . LYS B 1 3  ? -9.665  4.521   -2.617  1.00 26.55  ? 3   LYS A O    1 
ATOM   341 C  CB   . LYS B 1 3  ? -11.245 7.165   -1.862  1.00 27.47  ? 3   LYS A CB   1 
ATOM   342 C  CG   . LYS B 1 3  ? -10.555 7.846   -0.688  1.00 29.73  ? 3   LYS A CG   1 
ATOM   343 C  CD   . LYS B 1 3  ? -11.508 8.031   0.479   1.00 35.35  ? 3   LYS A CD   1 
ATOM   344 C  CE   . LYS B 1 3  ? -10.867 8.833   1.599   1.00 37.72  ? 3   LYS A CE   1 
ATOM   345 N  NZ   . LYS B 1 3  ? -11.822 9.072   2.715   1.00 50.21  ? 3   LYS A NZ   1 
ATOM   346 H  H    . LYS B 1 3  ? -11.760 5.906   -3.986  1.00 23.31  ? 3   LYS A H    1 
ATOM   347 H  HA   . LYS B 1 3  ? -9.792  7.595   -3.231  1.00 23.59  ? 3   LYS A HA   1 
ATOM   348 H  HB2  . LYS B 1 3  ? -11.923 7.771   -2.198  1.00 33.09  ? 3   LYS A HB2  1 
ATOM   349 H  HB3  . LYS B 1 3  ? -11.659 6.353   -1.531  1.00 33.09  ? 3   LYS A HB3  1 
ATOM   350 H  HG2  . LYS B 1 3  ? -9.810  7.300   -0.391  1.00 35.81  ? 3   LYS A HG2  1 
ATOM   351 H  HG3  . LYS B 1 3  ? -10.236 8.719   -0.964  1.00 35.81  ? 3   LYS A HG3  1 
ATOM   352 H  HD2  . LYS B 1 3  ? -12.297 8.506   0.177   1.00 42.55  ? 3   LYS A HD2  1 
ATOM   353 H  HD3  . LYS B 1 3  ? -11.757 7.161   0.830   1.00 42.55  ? 3   LYS A HD3  1 
ATOM   354 H  HE2  . LYS B 1 3  ? -10.106 8.344   1.948   1.00 45.40  ? 3   LYS A HE2  1 
ATOM   355 H  HE3  . LYS B 1 3  ? -10.580 9.692   1.253   1.00 45.40  ? 3   LYS A HE3  1 
ATOM   356 H  HZ1  . LYS B 1 3  ? -11.450 9.601   3.326   1.00 60.39  ? 3   LYS A HZ1  1 
ATOM   357 H  HZ2  . LYS B 1 3  ? -12.560 9.462   2.407   1.00 60.39  ? 3   LYS A HZ2  1 
ATOM   358 H  HZ3  . LYS B 1 3  ? -12.042 8.299   3.099   1.00 60.39  ? 3   LYS A HZ3  1 
ATOM   359 N  N    . LEU B 1 4  ? -8.140  6.108   -2.152  1.00 19.89  ? 4   LEU A N    1 
ATOM   360 C  CA   . LEU B 1 4  ? -7.106  5.177   -1.711  1.00 19.28  ? 4   LEU A CA   1 
ATOM   361 C  C    . LEU B 1 4  ? -7.070  5.185   -0.188  1.00 27.00  ? 4   LEU A C    1 
ATOM   362 O  O    . LEU B 1 4  ? -6.735  6.203   0.426   1.00 22.44  ? 4   LEU A O    1 
ATOM   363 C  CB   . LEU B 1 4  ? -5.751  5.563   -2.300  1.00 21.54  ? 4   LEU A CB   1 
ATOM   364 C  CG   . LEU B 1 4  ? -4.552  4.680   -1.955  1.00 37.36  ? 4   LEU A CG   1 
ATOM   365 C  CD1  . LEU B 1 4  ? -4.819  3.227   -2.311  1.00 33.55  ? 4   LEU A CD1  1 
ATOM   366 C  CD2  . LEU B 1 4  ? -3.317  5.195   -2.677  1.00 28.62  ? 4   LEU A CD2  1 
ATOM   367 H  H    . LEU B 1 4  ? -7.900  6.933   -2.114  1.00 24.00  ? 4   LEU A H    1 
ATOM   368 H  HA   . LEU B 1 4  ? -7.324  4.280   -2.007  1.00 23.27  ? 4   LEU A HA   1 
ATOM   369 H  HB2  . LEU B 1 4  ? -5.835  5.555   -3.266  1.00 25.98  ? 4   LEU A HB2  1 
ATOM   370 H  HB3  . LEU B 1 4  ? -5.538  6.457   -1.992  1.00 25.98  ? 4   LEU A HB3  1 
ATOM   371 H  HG   . LEU B 1 4  ? -4.393  4.716   -0.998  1.00 44.96  ? 4   LEU A HG   1 
ATOM   372 H  HD11 . LEU B 1 4  ? -4.002  2.718   -2.195  1.00 40.40  ? 4   LEU A HD11 1 
ATOM   373 H  HD12 . LEU B 1 4  ? -5.510  2.880   -1.725  1.00 40.40  ? 4   LEU A HD12 1 
ATOM   374 H  HD13 . LEU B 1 4  ? -5.112  3.177   -3.233  1.00 40.40  ? 4   LEU A HD13 1 
ATOM   375 H  HD21 . LEU B 1 4  ? -2.587  4.571   -2.535  1.00 34.48  ? 4   LEU A HD21 1 
ATOM   376 H  HD22 . LEU B 1 4  ? -3.512  5.267   -3.624  1.00 34.48  ? 4   LEU A HD22 1 
ATOM   377 H  HD23 . LEU B 1 4  ? -3.082  6.065   -2.319  1.00 34.48  ? 4   LEU A HD23 1 
ATOM   378 N  N    . VAL B 1 5  ? -7.421  4.054   0.417   1.00 28.05  ? 5   VAL A N    1 
ATOM   379 C  CA   . VAL B 1 5  ? -7.431  3.931   1.869   1.00 20.68  ? 5   VAL A CA   1 
ATOM   380 C  C    . VAL B 1 5  ? -6.310  2.983   2.299   1.00 24.13  ? 5   VAL A C    1 
ATOM   381 O  O    . VAL B 1 5  ? -6.113  1.943   1.673   1.00 24.07  ? 5   VAL A O    1 
ATOM   382 C  CB   . VAL B 1 5  ? -8.798  3.443   2.381   1.00 24.54  ? 5   VAL A CB   1 
ATOM   383 C  CG1  . VAL B 1 5  ? -9.888  4.433   1.999   1.00 32.66  ? 5   VAL A CG1  1 
ATOM   384 C  CG2  . VAL B 1 5  ? -9.118  2.058   1.837   1.00 30.36  ? 5   VAL A CG2  1 
ATOM   385 H  H    . VAL B 1 5  ? -7.661  3.338   0.004   1.00 33.79  ? 5   VAL A H    1 
ATOM   386 H  HA   . VAL B 1 5  ? -7.273  4.799   2.269   1.00 24.94  ? 5   VAL A HA   1 
ATOM   387 H  HB   . VAL B 1 5  ? -8.766  3.380   3.348   1.00 29.58  ? 5   VAL A HB   1 
ATOM   388 H  HG11 . VAL B 1 5  ? -10.735 4.124   2.354   1.00 39.32  ? 5   VAL A HG11 1 
ATOM   389 H  HG12 . VAL B 1 5  ? -9.670  5.302   2.372   1.00 39.32  ? 5   VAL A HG12 1 
ATOM   390 H  HG13 . VAL B 1 5  ? -9.936  4.492   1.032   1.00 39.32  ? 5   VAL A HG13 1 
ATOM   391 H  HG21 . VAL B 1 5  ? -10.021 1.818   2.097   1.00 36.56  ? 5   VAL A HG21 1 
ATOM   392 H  HG22 . VAL B 1 5  ? -9.044  2.074   0.870   1.00 36.56  ? 5   VAL A HG22 1 
ATOM   393 H  HG23 . VAL B 1 5  ? -8.487  1.421   2.207   1.00 36.56  ? 5   VAL A HG23 1 
HETATM 394 C  C1   . MEA B 1 6  ? -6.012  4.312   4.332   1.00 25.45  ? 6   MEA A C1   1 
HETATM 395 N  N    . MEA B 1 6  ? -5.581  3.330   3.359   1.00 20.83  ? 6   MEA A N    1 
HETATM 396 C  CA   . MEA B 1 6  ? -4.409  2.541   3.736   1.00 15.92  ? 6   MEA A CA   1 
HETATM 397 C  C    . MEA B 1 6  ? -4.626  1.773   5.037   1.00 23.97  ? 6   MEA A C    1 
HETATM 398 O  O    . MEA B 1 6  ? -5.097  2.261   6.067   1.00 20.82  ? 6   MEA A O    1 
HETATM 399 C  CB   . MEA B 1 6  ? -3.141  3.405   3.869   1.00 25.47  ? 6   MEA A CB   1 
HETATM 400 C  CG   . MEA B 1 6  ? -2.612  3.827   2.547   1.00 20.48  ? 6   MEA A CG   1 
HETATM 401 C  CD1  . MEA B 1 6  ? -2.844  5.124   2.076   1.00 33.65  ? 6   MEA A CD1  1 
HETATM 402 C  CE1  . MEA B 1 6  ? -2.345  5.520   0.839   1.00 24.53  ? 6   MEA A CE1  1 
HETATM 403 C  CZ   . MEA B 1 6  ? -1.611  4.625   0.063   1.00 23.70  ? 6   MEA A CZ   1 
HETATM 404 C  CE2  . MEA B 1 6  ? -1.375  3.330   0.527   1.00 37.17  ? 6   MEA A CE2  1 
HETATM 405 C  CD2  . MEA B 1 6  ? -1.873  2.934   1.765   1.00 25.40  ? 6   MEA A CD2  1 
HETATM 406 H  HC1  . MEA B 1 6  ? -5.308  4.293   5.209   1.00 30.68  ? 6   MEA A HC1  1 
HETATM 407 H  HC2  . MEA B 1 6  ? -6.002  5.329   3.856   1.00 30.68  ? 6   MEA A HC2  1 
HETATM 408 H  HC3  . MEA B 1 6  ? -7.053  4.058   4.672   1.00 30.68  ? 6   MEA A HC3  1 
HETATM 409 H  HA   . MEA B 1 6  ? -4.243  1.709   2.977   1.00 19.24  ? 6   MEA A HA   1 
HETATM 410 H  HB1  . MEA B 1 6  ? -2.360  2.820   4.426   1.00 30.70  ? 6   MEA A HB1  1 
HETATM 411 H  HB2  . MEA B 1 6  ? -3.382  4.308   4.493   1.00 30.70  ? 6   MEA A HB2  1 
HETATM 412 H  HD1  . MEA B 1 6  ? -3.423  5.834   2.688   1.00 40.52  ? 6   MEA A HD1  1 
HETATM 413 H  HE1  . MEA B 1 6  ? -2.531  6.542   0.473   1.00 29.57  ? 6   MEA A HE1  1 
HETATM 414 H  HZ   . MEA B 1 6  ? -1.216  4.939   -0.915  1.00 28.58  ? 6   MEA A HZ   1 
HETATM 415 H  HE2  . MEA B 1 6  ? -0.796  2.623   -0.085  1.00 44.74  ? 6   MEA A HE2  1 
HETATM 416 H  HD2  . MEA B 1 6  ? -1.686  1.914   2.132   1.00 30.61  ? 6   MEA A HD2  1 
ATOM   417 N  N    . PHE B 1 7  ? -4.251  0.498   4.980   1.00 18.12  ? 7   PHE A N    1 
ATOM   418 C  CA   . PHE B 1 7  ? -4.318  -0.374  6.148   1.00 16.86  ? 7   PHE A CA   1 
ATOM   419 C  C    . PHE B 1 7  ? -3.002  -1.116  6.301   1.00 36.85  ? 7   PHE A C    1 
ATOM   420 O  O    . PHE B 1 7  ? -2.227  -1.220  5.351   1.00 33.32  ? 7   PHE A O    1 
ATOM   421 C  CB   . PHE B 1 7  ? -5.479  -1.358  6.027   1.00 22.85  ? 7   PHE A CB   1 
ATOM   422 C  CG   . PHE B 1 7  ? -6.824  -0.707  6.101   1.00 25.79  ? 7   PHE A CG   1 
ATOM   423 C  CD1  . PHE B 1 7  ? -7.366  -0.346  7.323   1.00 26.78  ? 7   PHE A CD1  1 
ATOM   424 C  CD2  . PHE B 1 7  ? -7.542  -0.441  4.948   1.00 32.83  ? 7   PHE A CD2  1 
ATOM   425 C  CE1  . PHE B 1 7  ? -8.604  0.262   7.393   1.00 36.94  ? 7   PHE A CE1  1 
ATOM   426 C  CE2  . PHE B 1 7  ? -8.779  0.165   5.012   1.00 34.44  ? 7   PHE A CE2  1 
ATOM   427 C  CZ   . PHE B 1 7  ? -9.312  0.518   6.235   1.00 33.93  ? 7   PHE A CZ   1 
ATOM   428 H  H    . PHE B 1 7  ? -3.954  0.113   4.271   1.00 21.87  ? 7   PHE A H    1 
ATOM   429 H  HA   . PHE B 1 7  ? -4.476  0.153   6.946   1.00 20.37  ? 7   PHE A HA   1 
ATOM   430 H  HB2  . PHE B 1 7  ? -5.416  -1.814  5.173   1.00 27.55  ? 7   PHE A HB2  1 
ATOM   431 H  HB3  . PHE B 1 7  ? -5.420  -2.002  6.750   1.00 27.55  ? 7   PHE A HB3  1 
ATOM   432 H  HD1  . PHE B 1 7  ? -6.892  -0.515  8.105   1.00 32.27  ? 7   PHE A HD1  1 
ATOM   433 H  HD2  . PHE B 1 7  ? -7.187  -0.674  4.122   1.00 39.53  ? 7   PHE A HD2  1 
ATOM   434 H  HE1  . PHE B 1 7  ? -8.962  0.499   8.219   1.00 44.46  ? 7   PHE A HE1  1 
ATOM   435 H  HE2  . PHE B 1 7  ? -9.253  0.337   4.231   1.00 41.46  ? 7   PHE A HE2  1 
ATOM   436 H  HZ   . PHE B 1 7  ? -10.145 0.927   6.280   1.00 40.84  ? 7   PHE A HZ   1 
ATOM   437 N  N    . ALA B 1 8  ? -2.747  -1.627  7.501   1.00 37.69  ? 8   ALA A N    1 
ATOM   438 C  CA   . ALA B 1 8  ? -1.477  -2.276  7.782   1.00 42.22  ? 8   ALA A CA   1 
ATOM   439 C  C    . ALA B 1 8  ? -1.661  -3.319  8.871   1.00 40.18  ? 8   ALA A C    1 
ATOM   440 O  O    . ALA B 1 8  ? -2.474  -3.144  9.783   1.00 35.17  ? 8   ALA A O    1 
ATOM   441 C  CB   . ALA B 1 8  ? -0.418  -1.255  8.213   1.00 35.42  ? 8   ALA A CB   1 
ATOM   442 H  H    . ALA B 1 8  ? -3.293  -1.609  8.166   1.00 45.36  ? 8   ALA A H    1 
ATOM   443 H  HA   . ALA B 1 8  ? -1.170  -2.732  6.983   1.00 50.80  ? 8   ALA A HA   1 
ATOM   444 H  HB1  . ALA B 1 8  ? 0.434   -1.708  8.316   1.00 42.63  ? 8   ALA A HB1  1 
ATOM   445 H  HB2  . ALA B 1 8  ? -0.346  -0.568  7.530   1.00 42.63  ? 8   ALA A HB2  1 
ATOM   446 H  HB3  . ALA B 1 8  ? -0.686  -0.857  9.055   1.00 42.63  ? 8   ALA A HB3  1 
ATOM   447 N  N    . GLU B 1 9  ? -0.908  -4.406  8.755   1.00 59.41  ? 9   GLU A N    1 
ATOM   448 C  CA   . GLU B 1 9  ? -0.780  -5.382  9.828   1.00 70.62  ? 9   GLU A CA   1 
ATOM   449 C  C    . GLU B 1 9  ? 0.577   -6.061  9.702   1.00 80.03  ? 9   GLU A C    1 
ATOM   450 O  O    . GLU B 1 9  ? 0.884   -6.673  8.678   1.00 78.00  ? 9   GLU A O    1 
ATOM   451 C  CB   . GLU B 1 9  ? -1.910  -6.412  9.786   1.00 83.31  ? 9   GLU A CB   1 
ATOM   452 C  CG   . GLU B 1 9  ? -2.374  -6.860  11.166  1.00 84.08  ? 9   GLU A CG   1 
ATOM   453 C  CD   . GLU B 1 9  ? -3.624  -7.716  11.120  1.00 89.96  ? 9   GLU A CD   1 
ATOM   454 O  OE1  . GLU B 1 9  ? -3.730  -8.569  10.215  1.00 73.05  ? 9   GLU A OE1  1 
ATOM   455 O  OE2  . GLU B 1 9  ? -4.502  -7.538  11.992  1.00 82.06  ? 9   GLU A OE2  1 
ATOM   456 H  H    . GLU B 1 9  ? -0.453  -4.605  8.054   1.00 71.43  ? 9   GLU A H    1 
ATOM   457 H  HA   . GLU B 1 9  ? -0.849  -4.946  10.691  1.00 84.88  ? 9   GLU A HA   1 
ATOM   458 H  HB2  . GLU B 1 9  ? -2.672  -6.023  9.329   1.00 100.10 ? 9   GLU A HB2  1 
ATOM   459 H  HB3  . GLU B 1 9  ? -1.600  -7.197  9.307   1.00 100.10 ? 9   GLU A HB3  1 
ATOM   460 H  HG2  . GLU B 1 9  ? -1.669  -7.382  11.582  1.00 101.03 ? 9   GLU A HG2  1 
ATOM   461 H  HG3  . GLU B 1 9  ? -2.567  -6.077  11.704  1.00 101.03 ? 9   GLU A HG3  1 
HETATM 462 N  N    . ORN B 1 10 ? 6.028   -5.275  8.544   1.00 56.80  ? 10  ORN A N    1 
HETATM 463 C  CA   . ORN B 1 10 ? 4.576   -5.323  8.207   1.00 67.92  ? 10  ORN A CA   1 
HETATM 464 C  CB   . ORN B 1 10 ? 3.751   -4.665  9.321   1.00 55.75  ? 10  ORN A CB   1 
HETATM 465 C  CG   . ORN B 1 10 ? 3.818   -5.420  10.666  1.00 86.31  ? 10  ORN A CG   1 
HETATM 466 C  CD   . ORN B 1 10 ? 2.747   -6.515  10.782  1.00 80.87  ? 10  ORN A CD   1 
HETATM 467 N  NE   . ORN B 1 10 ? 1.421   -5.930  10.782  1.00 73.88  ? 10  ORN A NE   1 
HETATM 468 C  C    . ORN B 1 10 ? 4.321   -4.619  6.852   1.00 65.59  ? 10  ORN A C    1 
HETATM 469 O  O    . ORN B 1 10 ? 4.993   -3.651  6.487   1.00 61.83  ? 10  ORN A O    1 
HETATM 470 H  H    . ORN B 1 10 ? 6.646   -5.464  7.750   1.00 68.29  ? 10  ORN A H    1 
HETATM 471 H  HA   . ORN B 1 10 ? 4.312   -6.378  8.088   1.00 81.64  ? 10  ORN A HA   1 
HETATM 472 H  HB2  . ORN B 1 10 ? 2.698   -4.635  9.008   1.00 67.04  ? 10  ORN A HB2  1 
HETATM 473 H  HB3  . ORN B 1 10 ? 4.132   -3.649  9.488   1.00 67.04  ? 10  ORN A HB3  1 
HETATM 474 H  HG2  . ORN B 1 10 ? 3.687   -4.703  11.486  1.00 103.70 ? 10  ORN A HG2  1 
HETATM 475 H  HG3  . ORN B 1 10 ? 4.809   -5.876  10.771  1.00 103.70 ? 10  ORN A HG3  1 
HETATM 476 H  HD2  . ORN B 1 10 ? 2.838   -7.196  9.930   1.00 97.17  ? 10  ORN A HD2  1 
HETATM 477 H  HD3  . ORN B 1 10 ? 2.895   -7.064  11.717  1.00 97.17  ? 10  ORN A HD3  1 
HETATM 478 H  HE1  . ORN B 1 10 ? 1.164   -5.416  11.622  1.00 88.79  ? 10  ORN A HE1  1 
ATOM   479 N  N    . ALA B 1 11 ? 3.320   -5.156  6.082   1.00 35.95  ? 11  ALA A N    1 
ATOM   480 C  CA   . ALA B 1 11 ? 2.983   -4.604  4.775   1.00 39.91  ? 11  ALA A CA   1 
ATOM   481 C  C    . ALA B 1 11 ? 1.890   -3.549  4.872   1.00 31.17  ? 11  ALA A C    1 
ATOM   482 O  O    . ALA B 1 11 ? 0.926   -3.705  5.619   1.00 30.95  ? 11  ALA A O    1 
ATOM   483 C  CB   . ALA B 1 11 ? 2.552   -5.715  3.835   1.00 40.58  ? 11  ALA A CB   1 
ATOM   484 H  H    . ALA B 1 11 ? 2.839   -5.831  6.312   1.00 43.27  ? 11  ALA A H    1 
ATOM   485 H  HA   . ALA B 1 11 ? 3.774   -4.176  4.412   1.00 48.02  ? 11  ALA A HA   1 
ATOM   486 H  HB1  . ALA B 1 11 ? 2.336   -5.331  2.971   1.00 48.82  ? 11  ALA A HB1  1 
ATOM   487 H  HB2  . ALA B 1 11 ? 3.280   -6.350  3.742   1.00 48.82  ? 11  ALA A HB2  1 
ATOM   488 H  HB3  . ALA B 1 11 ? 1.773   -6.158  4.205   1.00 48.82  ? 11  ALA A HB3  1 
ATOM   489 N  N    . ILE B 1 12 ? 2.050   -2.474  4.107   1.00 22.94  ? 12  ILE A N    1 
ATOM   490 C  CA   . ILE B 1 12 ? 1.015   -1.458  3.965   1.00 25.97  ? 12  ILE A CA   1 
ATOM   491 C  C    . ILE B 1 12 ? 0.176   -1.806  2.746   1.00 29.47  ? 12  ILE A C    1 
ATOM   492 O  O    . ILE B 1 12 ? 0.716   -2.059  1.662   1.00 34.33  ? 12  ILE A O    1 
ATOM   493 C  CB   . ILE B 1 12 ? 1.630   -0.054  3.829   1.00 29.15  ? 12  ILE A CB   1 
ATOM   494 C  CG1  . ILE B 1 12 ? 2.617   0.223   4.969   1.00 27.06  ? 12  ILE A CG1  1 
ATOM   495 C  CG2  . ILE B 1 12 ? 0.535   1.002   3.802   1.00 30.24  ? 12  ILE A CG2  1 
ATOM   496 C  CD1  . ILE B 1 12 ? 2.023   0.092   6.351   1.00 34.87  ? 12  ILE A CD1  1 
ATOM   497 H  H    . ILE B 1 12 ? 2.762   -2.310  3.653   1.00 27.65  ? 12  ILE A H    1 
ATOM   498 H  HA   . ILE B 1 12 ? 0.447   -1.461  4.751   1.00 31.30  ? 12  ILE A HA   1 
ATOM   499 H  HB   . ILE B 1 12 ? 2.118   -0.020  2.993   1.00 35.11  ? 12  ILE A HB   1 
ATOM   500 H  HG12 . ILE B 1 12 ? 3.351   -0.407  4.903   1.00 32.61  ? 12  ILE A HG12 1 
ATOM   501 H  HG13 . ILE B 1 12 ? 2.950   1.130   4.877   1.00 32.61  ? 12  ILE A HG13 1 
ATOM   502 H  HG21 . ILE B 1 12 ? 0.941   1.880   3.875   1.00 36.42  ? 12  ILE A HG21 1 
ATOM   503 H  HG22 . ILE B 1 12 ? 0.048   0.931   2.967   1.00 36.42  ? 12  ILE A HG22 1 
ATOM   504 H  HG23 . ILE B 1 12 ? -0.066  0.854   4.549   1.00 36.42  ? 12  ILE A HG23 1 
ATOM   505 H  HD11 . ILE B 1 12 ? 2.687   0.357   7.007   1.00 41.98  ? 12  ILE A HD11 1 
ATOM   506 H  HD12 . ILE B 1 12 ? 1.245   0.667   6.416   1.00 41.98  ? 12  ILE A HD12 1 
ATOM   507 H  HD13 . ILE B 1 12 ? 1.765   -0.831  6.498   1.00 41.98  ? 12  ILE A HD13 1 
ATOM   508 N  N    . ILE B 1 13 ? -1.141  -1.828  2.918   1.00 23.33  ? 13  ILE A N    1 
ATOM   509 C  CA   . ILE B 1 13 ? -2.070  -2.181  1.852   1.00 26.26  ? 13  ILE A CA   1 
ATOM   510 C  C    . ILE B 1 13 ? -2.944  -0.968  1.575   1.00 26.43  ? 13  ILE A C    1 
ATOM   511 O  O    . ILE B 1 13 ? -3.654  -0.489  2.469   1.00 21.35  ? 13  ILE A O    1 
ATOM   512 C  CB   . ILE B 1 13 ? -2.925  -3.405  2.217   1.00 27.04  ? 13  ILE A CB   1 
ATOM   513 C  CG1  . ILE B 1 13 ? -2.034  -4.624  2.470   1.00 38.52  ? 13  ILE A CG1  1 
ATOM   514 C  CG2  . ILE B 1 13 ? -3.937  -3.700  1.114   1.00 25.15  ? 13  ILE A CG2  1 
ATOM   515 C  CD1  . ILE B 1 13 ? -1.292  -5.124  1.241   1.00 42.44  ? 13  ILE A CD1  1 
ATOM   516 H  H    . ILE B 1 13 ? -1.527  -1.638  3.664   1.00 28.13  ? 13  ILE A H    1 
ATOM   517 H  HA   . ILE B 1 13 ? -1.571  -2.389  1.047   1.00 31.64  ? 13  ILE A HA   1 
ATOM   518 H  HB   . ILE B 1 13 ? -3.410  -3.203  3.033   1.00 32.57  ? 13  ILE A HB   1 
ATOM   519 H  HG12 . ILE B 1 13 ? -1.372  -4.391  3.138   1.00 46.35  ? 13  ILE A HG12 1 
ATOM   520 H  HG13 . ILE B 1 13 ? -2.589  -5.352  2.793   1.00 46.35  ? 13  ILE A HG13 1 
ATOM   521 H  HG21 . ILE B 1 13 ? -4.333  -4.572  1.275   1.00 30.32  ? 13  ILE A HG21 1 
ATOM   522 H  HG22 . ILE B 1 13 ? -4.625  -3.016  1.124   1.00 30.32  ? 13  ILE A HG22 1 
ATOM   523 H  HG23 . ILE B 1 13 ? -3.481  -3.698  0.258   1.00 30.32  ? 13  ILE A HG23 1 
ATOM   524 H  HD11 . ILE B 1 13 ? -0.745  -5.886  1.490   1.00 51.06  ? 13  ILE A HD11 1 
ATOM   525 H  HD12 . ILE B 1 13 ? -1.938  -5.387  0.567   1.00 51.06  ? 13  ILE A HD12 1 
ATOM   526 H  HD13 . ILE B 1 13 ? -0.730  -4.410  0.900   1.00 51.06  ? 13  ILE A HD13 1 
ATOM   527 N  N    . GLY B 1 14 ? -2.882  -0.467  0.345   1.00 18.11  ? 14  GLY A N    1 
ATOM   528 C  CA   . GLY B 1 14 ? -3.719  0.638   -0.072  1.00 16.25  ? 14  GLY A CA   1 
ATOM   529 C  C    . GLY B 1 14 ? -4.865  0.177   -0.947  1.00 23.75  ? 14  GLY A C    1 
ATOM   530 O  O    . GLY B 1 14 ? -4.681  -0.065  -2.144  1.00 27.76  ? 14  GLY A O    1 
ATOM   531 H  H    . GLY B 1 14 ? -2.356  -0.757  -0.271  1.00 21.86  ? 14  GLY A H    1 
ATOM   532 H  HA2  . GLY B 1 14 ? -4.088  1.078   0.712   1.00 19.63  ? 14  GLY A HA2  1 
ATOM   533 H  HA3  . GLY B 1 14 ? -3.187  1.277   -0.571  1.00 19.63  ? 14  GLY A HA3  1 
ATOM   534 N  N    . LEU B 1 15 ? -6.052  0.043   -0.363  1.00 19.35  ? 15  LEU A N    1 
ATOM   535 C  CA   . LEU B 1 15 ? -7.216  -0.409  -1.109  1.00 21.58  ? 15  LEU A CA   1 
ATOM   536 C  C    . LEU B 1 15 ? -7.768  0.730   -1.955  1.00 29.02  ? 15  LEU A C    1 
ATOM   537 O  O    . LEU B 1 15 ? -7.983  1.840   -1.459  1.00 24.01  ? 15  LEU A O    1 
ATOM   538 C  CB   . LEU B 1 15 ? -8.294  -0.928  -0.160  1.00 21.85  ? 15  LEU A CB   1 
ATOM   539 C  CG   . LEU B 1 15 ? -7.928  -2.154  0.677   1.00 19.31  ? 15  LEU A CG   1 
ATOM   540 C  CD1  . LEU B 1 15 ? -9.097  -2.551  1.565   1.00 27.62  ? 15  LEU A CD1  1 
ATOM   541 C  CD2  . LEU B 1 15 ? -7.509  -3.314  -0.216  1.00 26.70  ? 15  LEU A CD2  1 
ATOM   542 H  H    . LEU B 1 15 ? -6.207  0.209   0.467   1.00 23.36  ? 15  LEU A H    1 
ATOM   543 H  HA   . LEU B 1 15 ? -6.957  -1.134  -1.698  1.00 26.03  ? 15  LEU A HA   1 
ATOM   544 H  HB2  . LEU B 1 15 ? -8.519  -0.215  0.460   1.00 26.36  ? 15  LEU A HB2  1 
ATOM   545 H  HB3  . LEU B 1 15 ? -9.073  -1.164  -0.688  1.00 26.36  ? 15  LEU A HB3  1 
ATOM   546 H  HG   . LEU B 1 15 ? -7.174  -1.935  1.246   1.00 23.31  ? 15  LEU A HG   1 
ATOM   547 H  HD11 . LEU B 1 15 ? -8.847  -3.329  2.086   1.00 33.28  ? 15  LEU A HD11 1 
ATOM   548 H  HD12 . LEU B 1 15 ? -9.309  -1.811  2.156   1.00 33.28  ? 15  LEU A HD12 1 
ATOM   549 H  HD13 . LEU B 1 15 ? -9.862  -2.758  1.006   1.00 33.28  ? 15  LEU A HD13 1 
ATOM   550 H  HD21 . LEU B 1 15 ? -7.458  -4.122  0.318   1.00 32.17  ? 15  LEU A HD21 1 
ATOM   551 H  HD22 . LEU B 1 15 ? -8.167  -3.425  -0.921  1.00 32.17  ? 15  LEU A HD22 1 
ATOM   552 H  HD23 . LEU B 1 15 ? -6.640  -3.118  -0.602  1.00 32.17  ? 15  LEU A HD23 1 
ATOM   553 N  N    . MET B 1 16 ? -7.998  0.450   -3.233  1.00 23.99  ? 16  MET A N    1 
ATOM   554 C  CA   . MET B 1 16 ? -8.555  1.430   -4.161  1.00 28.81  ? 16  MET A CA   1 
ATOM   555 C  C    . MET B 1 16 ? -10.065 1.234   -4.196  1.00 39.50  ? 16  MET A C    1 
ATOM   556 O  O    . MET B 1 16 ? -10.571 0.316   -4.849  1.00 35.10  ? 16  MET A O    1 
ATOM   557 C  CB   . MET B 1 16 ? -7.936  1.268   -5.544  1.00 41.43  ? 16  MET A CB   1 
ATOM   558 C  CG   . MET B 1 16 ? -7.974  2.526   -6.396  1.00 52.53  ? 16  MET A CG   1 
ATOM   559 S  SD   . MET B 1 16 ? -6.902  2.423   -7.842  1.00 106.15 ? 16  MET A SD   1 
ATOM   560 C  CE   . MET B 1 16 ? -5.295  2.242   -7.071  1.00 56.38  ? 16  MET A CE   1 
ATOM   561 H  H    . MET B 1 16 ? -7.837  -0.314  -3.593  1.00 28.92  ? 16  MET A H    1 
ATOM   562 H  HA   . MET B 1 16 ? -8.356  2.325   -3.845  1.00 34.71  ? 16  MET A HA   1 
ATOM   563 H  HB2  . MET B 1 16 ? -7.006  1.012   -5.439  1.00 49.85  ? 16  MET A HB2  1 
ATOM   564 H  HB3  . MET B 1 16 ? -8.418  0.575   -6.021  1.00 49.85  ? 16  MET A HB3  1 
ATOM   565 H  HG2  . MET B 1 16 ? -8.882  2.671   -6.704  1.00 63.17  ? 16  MET A HG2  1 
ATOM   566 H  HG3  . MET B 1 16 ? -7.682  3.280   -5.859  1.00 63.17  ? 16  MET A HG3  1 
ATOM   567 H  HE1  . MET B 1 16 ? -5.208  1.338   -6.730  1.00 67.79  ? 16  MET A HE1  1 
ATOM   568 H  HE2  . MET B 1 16 ? -4.606  2.414   -7.731  1.00 67.79  ? 16  MET A HE2  1 
ATOM   569 H  HE3  . MET B 1 16 ? -5.221  2.878   -6.342  1.00 67.79  ? 16  MET A HE3  1 
ATOM   570 N  N    . VAL B 1 17 ? -10.789 2.089   -3.483  1.00 26.59  ? 17  VAL A N    1 
ATOM   571 C  CA   . VAL B 1 17 ? -12.244 2.047   -3.507  1.00 25.16  ? 17  VAL A CA   1 
ATOM   572 C  C    . VAL B 1 17 ? -12.727 3.077   -4.522  1.00 28.92  ? 17  VAL A C    1 
ATOM   573 O  O    . VAL B 1 17 ? -13.025 4.226   -4.197  1.00 20.23  ? 17  VAL A O    1 
ATOM   574 C  CB   . VAL B 1 17 ? -12.848 2.270   -2.094  1.00 33.22  ? 17  VAL A CB   1 
ATOM   575 C  CG1  . VAL B 1 17 ? -12.402 1.158   -1.157  1.00 42.20  ? 17  VAL A CG1  1 
ATOM   576 C  CG2  . VAL B 1 17 ? -12.454 3.620   -1.503  1.00 53.63  ? 17  VAL A CG2  1 
ATOM   577 H  H    . VAL B 1 17 ? -10.460 2.703   -2.978  1.00 32.05  ? 17  VAL A H    1 
ATOM   578 H  HA   . VAL B 1 17 ? -12.555 1.170   -3.782  1.00 30.32  ? 17  VAL A HA   1 
ATOM   579 H  HB   . VAL B 1 17 ? -13.815 2.260   -2.184  1.00 39.99  ? 17  VAL A HB   1 
ATOM   580 H  HG11 . VAL B 1 17 ? -12.793 1.308   -0.281  1.00 50.77  ? 17  VAL A HG11 1 
ATOM   581 H  HG12 . VAL B 1 17 ? -12.702 0.308   -1.512  1.00 50.77  ? 17  VAL A HG12 1 
ATOM   582 H  HG13 . VAL B 1 17 ? -11.434 1.168   -1.094  1.00 50.77  ? 17  VAL A HG13 1 
ATOM   583 H  HG21 . VAL B 1 17 ? -12.822 3.693   -0.609  1.00 64.49  ? 17  VAL A HG21 1 
ATOM   584 H  HG22 . VAL B 1 17 ? -11.486 3.679   -1.468  1.00 64.49  ? 17  VAL A HG22 1 
ATOM   585 H  HG23 . VAL B 1 17 ? -12.808 4.327   -2.065  1.00 64.49  ? 17  VAL A HG23 1 
HETATM 586 I  I    . IOD C 2 .  ? 14.346  -1.966  -2.415  1.00 94.88  ? 101 IOD C I    1 
HETATM 587 I  I    . IOD D 2 .  ? -12.403 12.261  1.723   0.50 68.89  ? 101 IOD A I    1 
HETATM 588 CL CL   . CL  E 3 .  ? -15.366 6.138   0.605   0.33 69.65  ? 102 CL  A CL   1 
HETATM 589 O  O    . HOH F 4 .  ? -1.418  -7.662  -5.375  1.00 55.33  ? 201 HOH C O    1 
HETATM 590 O  O    . HOH F 4 .  ? -2.346  -9.306  -7.128  1.00 59.33  ? 202 HOH C O    1 
HETATM 591 O  O    . HOH F 4 .  ? 10.865  4.116   -1.393  1.00 35.33  ? 203 HOH C O    1 
HETATM 592 O  O    . HOH F 4 .  ? 13.555  2.456   -2.849  1.00 48.67  ? 204 HOH C O    1 
HETATM 593 O  O    . HOH F 4 .  ? 15.256  -2.205  11.484  1.00 45.73  ? 205 HOH C O    1 
HETATM 594 O  O    . HOH F 4 .  ? 16.359  0.380   14.241  1.00 27.40  ? 206 HOH C O    1 
HETATM 595 O  O    . HOH F 4 .  ? -7.095  -5.738  -6.602  1.00 54.94  ? 207 HOH C O    1 
HETATM 596 O  O    . HOH F 4 .  ? 12.222  -0.715  12.079  1.00 35.91  ? 208 HOH C O    1 
HETATM 597 O  O    . HOH F 4 .  ? -10.866 -0.343  -8.561  1.00 47.01  ? 209 HOH C O    1 
HETATM 598 O  O    . HOH F 4 .  ? -3.762  0.917   -10.910 1.00 34.92  ? 210 HOH C O    1 
HETATM 599 O  O    . HOH F 4 .  ? -0.549  -1.191  -13.032 1.00 44.73  ? 211 HOH C O    1 
HETATM 600 O  O    . HOH F 4 .  ? 17.611  -3.503  6.685   0.25 40.43  ? 212 HOH C O    1 
HETATM 601 O  O    . HOH F 4 .  ? 9.914   5.672   -3.100  0.33 34.20  ? 213 HOH C O    1 
HETATM 602 O  O    . HOH F 4 .  ? 16.732  -4.574  9.083   0.25 30.43  ? 214 HOH C O    1 
HETATM 603 O  O    . HOH F 4 .  ? 17.191  7.944   0.864   0.50 31.46  ? 215 HOH C O    1 
HETATM 604 O  O    . HOH F 4 .  ? 15.689  0.008   0.074   1.00 40.53  ? 216 HOH C O    1 
HETATM 605 O  O    . HOH F 4 .  ? 18.917  -1.911  3.123   0.25 46.00  ? 217 HOH C O    1 
HETATM 606 O  O    . HOH F 4 .  ? 18.391  0.912   0.939   1.00 55.84  ? 218 HOH C O    1 
HETATM 607 O  O    . HOH G 4 .  ? -14.565 11.676  -10.061 1.00 38.78  ? 201 HOH A O    1 
HETATM 608 O  O    . HOH G 4 .  ? -14.098 5.866   -11.698 1.00 56.80  ? 202 HOH A O    1 
HETATM 609 O  O    . HOH G 4 .  ? -15.839 5.524   -9.290  1.00 29.80  ? 203 HOH A O    1 
HETATM 610 O  O    . HOH G 4 .  ? -7.261  7.682   2.829   1.00 35.87  ? 204 HOH A O    1 
HETATM 611 O  O    . HOH G 4 .  ? -8.547  14.309  -8.456  1.00 54.57  ? 205 HOH A O    1 
HETATM 612 O  O    . HOH G 4 .  ? -12.173 5.178   -11.598 1.00 30.98  ? 206 HOH A O    1 
HETATM 613 O  O    . HOH G 4 .  ? -3.500  -8.070  15.266  1.00 68.30  ? 207 HOH A O    1 
HETATM 614 O  O    . HOH G 4 .  ? -0.962  -4.124  12.895  1.00 43.12  ? 208 HOH A O    1 
HETATM 615 O  O    . HOH G 4 .  ? -11.388 9.069   6.302   0.33 65.48  ? 209 HOH A O    1 
HETATM 616 O  O    . HOH G 4 .  ? 0.295   -2.629  12.570  1.00 28.55  ? 210 HOH A O    1 
HETATM 617 O  O    . HOH G 4 .  ? 2.920   -2.096  11.679  1.00 43.17  ? 211 HOH A O    1 
HETATM 618 O  O    . HOH G 4 .  ? -14.791 8.728   5.957   0.33 79.23  ? 212 HOH A O    1 
HETATM 619 O  O    . HOH G 4 .  ? -15.487 3.116   -9.840  1.00 46.75  ? 213 HOH A O    1 
HETATM 620 O  O    . HOH G 4 .  ? -16.374 1.605   -8.762  0.33 26.50  ? 214 HOH A O    1 
HETATM 621 O  O    . HOH G 4 .  ? -11.348 16.616  -11.816 1.00 54.59  ? 215 HOH A O    1 
HETATM 622 O  O    . HOH G 4 .  ? -2.902  -12.513 7.212   0.50 55.18  ? 216 HOH A O    1 
HETATM 623 O  O    . HOH G 4 .  ? -8.798  16.656  -8.111  0.50 44.77  ? 217 HOH A O    1 
HETATM 624 O  O    . HOH G 4 .  ? -9.249  18.854  -12.059 1.00 60.57  ? 218 HOH A O    1 
# 
loop_
_pdbx_poly_seq_scheme.asym_id 
_pdbx_poly_seq_scheme.entity_id 
_pdbx_poly_seq_scheme.seq_id 
_pdbx_poly_seq_scheme.mon_id 
_pdbx_poly_seq_scheme.ndb_seq_num 
_pdbx_poly_seq_scheme.pdb_seq_num 
_pdbx_poly_seq_scheme.auth_seq_num 
_pdbx_poly_seq_scheme.pdb_mon_id 
_pdbx_poly_seq_scheme.auth_mon_id 
_pdbx_poly_seq_scheme.pdb_strand_id 
_pdbx_poly_seq_scheme.pdb_ins_code 
_pdbx_poly_seq_scheme.hetero 
A 1 1  HIS 1  1  1  HIS HIS C . n 
A 1 2  ORN 2  2  2  ORN ORA C . n 
A 1 3  LYS 3  3  3  LYS LYS C . n 
A 1 4  LEU 4  4  4  LEU LEU C . n 
A 1 5  VAL 5  5  5  VAL VAL C . n 
A 1 6  MEA 6  6  6  MEA MEA C . n 
A 1 7  PHE 7  7  7  PHE PHE C . n 
A 1 8  ALA 8  8  8  ALA ALA C . n 
A 1 9  GLU 9  9  9  GLU GLU C . n 
A 1 10 ORN 10 10 10 ORN ORT C . n 
A 1 11 ALA 11 11 11 ALA ALA C . n 
A 1 12 ILE 12 12 12 ILE ILE C . n 
A 1 13 ILE 13 13 13 ILE ILE C . n 
A 1 14 GLY 14 14 14 GLY GLY C . n 
A 1 15 LEU 15 15 15 LEU LEU C . n 
A 1 16 MET 16 16 16 MET MET C . n 
A 1 17 VAL 17 17 17 VAL VAL C . n 
B 1 1  HIS 1  1  1  HIS HIS A . n 
B 1 2  ORN 2  2  2  ORN ORA A . n 
B 1 3  LYS 3  3  3  LYS LYS A . n 
B 1 4  LEU 4  4  4  LEU LEU A . n 
B 1 5  VAL 5  5  5  VAL VAL A . n 
B 1 6  MEA 6  6  6  MEA MEA A . n 
B 1 7  PHE 7  7  7  PHE PHE A . n 
B 1 8  ALA 8  8  8  ALA ALA A . n 
B 1 9  GLU 9  9  9  GLU GLU A . n 
B 1 10 ORN 10 10 10 ORN ORT A . n 
B 1 11 ALA 11 11 11 ALA ALA A . n 
B 1 12 ILE 12 12 12 ILE ILE A . n 
B 1 13 ILE 13 13 13 ILE ILE A . n 
B 1 14 GLY 14 14 14 GLY GLY A . n 
B 1 15 LEU 15 15 15 LEU LEU A . n 
B 1 16 MET 16 16 16 MET MET A . n 
B 1 17 VAL 17 17 17 VAL VAL A . n 
# 
loop_
_pdbx_nonpoly_scheme.asym_id 
_pdbx_nonpoly_scheme.entity_id 
_pdbx_nonpoly_scheme.mon_id 
_pdbx_nonpoly_scheme.ndb_seq_num 
_pdbx_nonpoly_scheme.pdb_seq_num 
_pdbx_nonpoly_scheme.auth_seq_num 
_pdbx_nonpoly_scheme.pdb_mon_id 
_pdbx_nonpoly_scheme.auth_mon_id 
_pdbx_nonpoly_scheme.pdb_strand_id 
_pdbx_nonpoly_scheme.pdb_ins_code 
C 2 IOD 1  101 4  IOD IOD C . 
D 2 IOD 1  101 3  IOD IOD A . 
E 3 CL  1  102 1  CL  CL  A . 
F 4 HOH 1  201 34 HOH HOH C . 
F 4 HOH 2  202 32 HOH HOH C . 
F 4 HOH 3  203 24 HOH HOH C . 
F 4 HOH 4  204 35 HOH HOH C . 
F 4 HOH 5  205 27 HOH HOH C . 
F 4 HOH 6  206 11 HOH HOH C . 
F 4 HOH 7  207 40 HOH HOH C . 
F 4 HOH 8  208 8  HOH HOH C . 
F 4 HOH 9  209 16 HOH HOH C . 
F 4 HOH 10 210 10 HOH HOH C . 
F 4 HOH 11 211 15 HOH HOH C . 
F 4 HOH 12 212 9  HOH HOH C . 
F 4 HOH 13 213 14 HOH HOH C . 
F 4 HOH 14 214 6  HOH HOH C . 
F 4 HOH 15 215 17 HOH HOH C . 
F 4 HOH 16 216 30 HOH HOH C . 
F 4 HOH 17 217 19 HOH HOH C . 
F 4 HOH 18 218 33 HOH HOH C . 
G 4 HOH 1  201 21 HOH HOH A . 
G 4 HOH 2  202 20 HOH HOH A . 
G 4 HOH 3  203 12 HOH HOH A . 
G 4 HOH 4  204 4  HOH HOH A . 
G 4 HOH 5  205 38 HOH HOH A . 
G 4 HOH 6  206 1  HOH HOH A . 
G 4 HOH 7  207 18 HOH HOH A . 
G 4 HOH 8  208 5  HOH HOH A . 
G 4 HOH 9  209 36 HOH HOH A . 
G 4 HOH 10 210 7  HOH HOH A . 
G 4 HOH 11 211 25 HOH HOH A . 
G 4 HOH 12 212 39 HOH HOH A . 
G 4 HOH 13 213 22 HOH HOH A . 
G 4 HOH 14 214 13 HOH HOH A . 
G 4 HOH 15 215 31 HOH HOH A . 
G 4 HOH 16 216 28 HOH HOH A . 
G 4 HOH 17 217 29 HOH HOH A . 
G 4 HOH 18 218 37 HOH HOH A . 
# 
_pdbx_struct_assembly.id                   1 
_pdbx_struct_assembly.details              author_and_software_defined_assembly 
_pdbx_struct_assembly.method_details       PISA 
_pdbx_struct_assembly.oligomeric_details   hexameric 
_pdbx_struct_assembly.oligomeric_count     6 
# 
_pdbx_struct_assembly_gen.assembly_id       1 
_pdbx_struct_assembly_gen.oper_expression   1,2,3 
_pdbx_struct_assembly_gen.asym_id_list      A,B,C,D,E,F,G 
# 
loop_
_pdbx_struct_assembly_prop.biol_id 
_pdbx_struct_assembly_prop.type 
_pdbx_struct_assembly_prop.value 
_pdbx_struct_assembly_prop.details 
1 'ABSA (A^2)' 6000 ? 
1 MORE         -42  ? 
1 'SSA (A^2)'  5910 ? 
# 
loop_
_pdbx_struct_oper_list.id 
_pdbx_struct_oper_list.type 
_pdbx_struct_oper_list.name 
_pdbx_struct_oper_list.symmetry_operation 
_pdbx_struct_oper_list.matrix[1][1] 
_pdbx_struct_oper_list.matrix[1][2] 
_pdbx_struct_oper_list.matrix[1][3] 
_pdbx_struct_oper_list.vector[1] 
_pdbx_struct_oper_list.matrix[2][1] 
_pdbx_struct_oper_list.matrix[2][2] 
_pdbx_struct_oper_list.matrix[2][3] 
_pdbx_struct_oper_list.vector[2] 
_pdbx_struct_oper_list.matrix[3][1] 
_pdbx_struct_oper_list.matrix[3][2] 
_pdbx_struct_oper_list.matrix[3][3] 
_pdbx_struct_oper_list.vector[3] 
1 'identity operation'         1_555  x,y,z           1.0000000000 0.0000000000  0.0000000000  0.0000000000  0.0000000000  1.0000000000  0.0000000000  0.0000000000  0.0000000000  0.0000000000  1.0000000000  0.0000000000  
2 'crystal symmetry operation' 30_566 z,-x+3/2,-y+3/2 0.7293085356 0.1500071306  -0.6675379544 -0.2363244770 -0.5420065521 -0.4687500042 -0.6974971907 11.5426016995 -0.4175379711 0.8705005999  -0.2605585315 -4.7054076701 
3 'crystal symmetry operation' 84_665 -y+3/2,-z+3/2,x 0.7293085356 -0.5420065521 -0.4175379711 4.4638328360  0.1500071306  -0.4687500042 0.8705005999  9.5421051508  -0.6675379544 -0.6974971907 -0.2605585315 6.6671425885   
# 
loop_
_pdbx_struct_special_symmetry.id 
_pdbx_struct_special_symmetry.PDB_model_num 
_pdbx_struct_special_symmetry.auth_asym_id 
_pdbx_struct_special_symmetry.auth_comp_id 
_pdbx_struct_special_symmetry.auth_seq_id 
_pdbx_struct_special_symmetry.PDB_ins_code 
_pdbx_struct_special_symmetry.label_asym_id 
_pdbx_struct_special_symmetry.label_comp_id 
_pdbx_struct_special_symmetry.label_seq_id 
1  1 A IOD 101 ? D IOD . 
2  1 A CL  102 ? E CL  . 
3  1 C HOH 212 ? F HOH . 
4  1 C HOH 213 ? F HOH . 
5  1 C HOH 214 ? F HOH . 
6  1 C HOH 215 ? F HOH . 
7  1 C HOH 217 ? F HOH . 
8  1 A HOH 209 ? G HOH . 
9  1 A HOH 212 ? G HOH . 
10 1 A HOH 214 ? G HOH . 
11 1 A HOH 216 ? G HOH . 
12 1 A HOH 217 ? G HOH . 
# 
loop_
_pdbx_audit_revision_history.ordinal 
_pdbx_audit_revision_history.data_content_type 
_pdbx_audit_revision_history.major_revision 
_pdbx_audit_revision_history.minor_revision 
_pdbx_audit_revision_history.revision_date 
1 'Structure model' 1 0 2020-06-17 
2 'Structure model' 1 1 2020-07-15 
3 'Structure model' 1 2 2023-10-11 
# 
_pdbx_audit_revision_details.ordinal             1 
_pdbx_audit_revision_details.revision_ordinal    1 
_pdbx_audit_revision_details.data_content_type   'Structure model' 
_pdbx_audit_revision_details.provider            repository 
_pdbx_audit_revision_details.type                'Initial release' 
_pdbx_audit_revision_details.description         ? 
_pdbx_audit_revision_details.details             ? 
# 
loop_
_pdbx_audit_revision_group.ordinal 
_pdbx_audit_revision_group.revision_ordinal 
_pdbx_audit_revision_group.data_content_type 
_pdbx_audit_revision_group.group 
1 2 'Structure model' 'Database references'    
2 3 'Structure model' 'Data collection'        
3 3 'Structure model' 'Database references'    
4 3 'Structure model' 'Derived calculations'   
5 3 'Structure model' 'Refinement description' 
# 
loop_
_pdbx_audit_revision_category.ordinal 
_pdbx_audit_revision_category.revision_ordinal 
_pdbx_audit_revision_category.data_content_type 
_pdbx_audit_revision_category.category 
1 2 'Structure model' citation                      
2 3 'Structure model' chem_comp_atom                
3 3 'Structure model' chem_comp_bond                
4 3 'Structure model' database_2                    
5 3 'Structure model' pdbx_initial_refinement_model 
6 3 'Structure model' struct_conn                   
# 
loop_
_pdbx_audit_revision_item.ordinal 
_pdbx_audit_revision_item.revision_ordinal 
_pdbx_audit_revision_item.data_content_type 
_pdbx_audit_revision_item.item 
1  2 'Structure model' '_citation.journal_volume'            
2  2 'Structure model' '_citation.page_first'                
3  2 'Structure model' '_citation.page_last'                 
4  2 'Structure model' '_citation.title'                     
5  3 'Structure model' '_database_2.pdbx_DOI'                
6  3 'Structure model' '_database_2.pdbx_database_accession' 
7  3 'Structure model' '_struct_conn.pdbx_dist_value'        
8  3 'Structure model' '_struct_conn.ptnr1_label_atom_id'    
9  3 'Structure model' '_struct_conn.ptnr2_auth_comp_id'     
10 3 'Structure model' '_struct_conn.ptnr2_auth_seq_id'      
11 3 'Structure model' '_struct_conn.ptnr2_label_atom_id'    
12 3 'Structure model' '_struct_conn.ptnr2_label_comp_id'    
13 3 'Structure model' '_struct_conn.ptnr2_label_seq_id'     
# 
loop_
_software.citation_id 
_software.classification 
_software.compiler_name 
_software.compiler_version 
_software.contact_author 
_software.contact_author_email 
_software.date 
_software.description 
_software.dependencies 
_software.hardware 
_software.language 
_software.location 
_software.mods 
_software.name 
_software.os 
_software.os_version 
_software.type 
_software.version 
_software.pdbx_ordinal 
? refinement       ? ? ? ? ? ? ? ? ? ? ? PHENIX  ? ? ? '(1.14_3260)' 1 
? 'data reduction' ? ? ? ? ? ? ? ? ? ? ? MOSFLM  ? ? ? .             2 
? 'data scaling'   ? ? ? ? ? ? ? ? ? ? ? Aimless ? ? ? .             3 
? phasing          ? ? ? ? ? ? ? ? ? ? ? PHASER  ? ? ? .             4 
# 
_pdbx_entry_details.entry_id                 6VU4 
_pdbx_entry_details.has_ligand_of_interest   N 
_pdbx_entry_details.compound_details         ? 
_pdbx_entry_details.source_details           ? 
_pdbx_entry_details.nonpolymer_details       ? 
_pdbx_entry_details.sequence_details         ? 
# 
loop_
_pdbx_validate_close_contact.id 
_pdbx_validate_close_contact.PDB_model_num 
_pdbx_validate_close_contact.auth_atom_id_1 
_pdbx_validate_close_contact.auth_asym_id_1 
_pdbx_validate_close_contact.auth_comp_id_1 
_pdbx_validate_close_contact.auth_seq_id_1 
_pdbx_validate_close_contact.PDB_ins_code_1 
_pdbx_validate_close_contact.label_alt_id_1 
_pdbx_validate_close_contact.auth_atom_id_2 
_pdbx_validate_close_contact.auth_asym_id_2 
_pdbx_validate_close_contact.auth_comp_id_2 
_pdbx_validate_close_contact.auth_seq_id_2 
_pdbx_validate_close_contact.PDB_ins_code_2 
_pdbx_validate_close_contact.label_alt_id_2 
_pdbx_validate_close_contact.dist 
1 1 O A HOH 208 ? ? O A HOH 210 ? ? 1.98 
2 1 O A HOH 202 ? ? O A HOH 206 ? ? 2.05 
# 
_pdbx_validate_symm_contact.id                1 
_pdbx_validate_symm_contact.PDB_model_num     1 
_pdbx_validate_symm_contact.auth_atom_id_1    O 
_pdbx_validate_symm_contact.auth_asym_id_1    A 
_pdbx_validate_symm_contact.auth_comp_id_1    HOH 
_pdbx_validate_symm_contact.auth_seq_id_1     206 
_pdbx_validate_symm_contact.PDB_ins_code_1    ? 
_pdbx_validate_symm_contact.label_alt_id_1    ? 
_pdbx_validate_symm_contact.site_symmetry_1   1_555 
_pdbx_validate_symm_contact.auth_atom_id_2    O 
_pdbx_validate_symm_contact.auth_asym_id_2    A 
_pdbx_validate_symm_contact.auth_comp_id_2    HOH 
_pdbx_validate_symm_contact.auth_seq_id_2     208 
_pdbx_validate_symm_contact.PDB_ins_code_2    ? 
_pdbx_validate_symm_contact.label_alt_id_2    ? 
_pdbx_validate_symm_contact.site_symmetry_2   30_566 
_pdbx_validate_symm_contact.dist              2.04 
# 
loop_
_pdbx_distant_solvent_atoms.id 
_pdbx_distant_solvent_atoms.PDB_model_num 
_pdbx_distant_solvent_atoms.auth_atom_id 
_pdbx_distant_solvent_atoms.label_alt_id 
_pdbx_distant_solvent_atoms.auth_asym_id 
_pdbx_distant_solvent_atoms.auth_comp_id 
_pdbx_distant_solvent_atoms.auth_seq_id 
_pdbx_distant_solvent_atoms.PDB_ins_code 
_pdbx_distant_solvent_atoms.neighbor_macromolecule_distance 
_pdbx_distant_solvent_atoms.neighbor_ligand_distance 
1 1 O ? C HOH 218 ? 6.17 . 
2 1 O ? A HOH 218 ? 7.12 . 
# 
loop_
_chem_comp_atom.comp_id 
_chem_comp_atom.atom_id 
_chem_comp_atom.type_symbol 
_chem_comp_atom.pdbx_aromatic_flag 
_chem_comp_atom.pdbx_stereo_config 
_chem_comp_atom.pdbx_ordinal 
ALA N    N  N N 1   
ALA CA   C  N S 2   
ALA C    C  N N 3   
ALA O    O  N N 4   
ALA CB   C  N N 5   
ALA OXT  O  N N 6   
ALA H    H  N N 7   
ALA H2   H  N N 8   
ALA HA   H  N N 9   
ALA HB1  H  N N 10  
ALA HB2  H  N N 11  
ALA HB3  H  N N 12  
ALA HXT  H  N N 13  
CL  CL   CL N N 14  
GLU N    N  N N 15  
GLU CA   C  N S 16  
GLU C    C  N N 17  
GLU O    O  N N 18  
GLU CB   C  N N 19  
GLU CG   C  N N 20  
GLU CD   C  N N 21  
GLU OE1  O  N N 22  
GLU OE2  O  N N 23  
GLU OXT  O  N N 24  
GLU H    H  N N 25  
GLU H2   H  N N 26  
GLU HA   H  N N 27  
GLU HB2  H  N N 28  
GLU HB3  H  N N 29  
GLU HG2  H  N N 30  
GLU HG3  H  N N 31  
GLU HE2  H  N N 32  
GLU HXT  H  N N 33  
GLY N    N  N N 34  
GLY CA   C  N N 35  
GLY C    C  N N 36  
GLY O    O  N N 37  
GLY OXT  O  N N 38  
GLY H    H  N N 39  
GLY H2   H  N N 40  
GLY HA2  H  N N 41  
GLY HA3  H  N N 42  
GLY HXT  H  N N 43  
HIS N    N  N N 44  
HIS CA   C  N S 45  
HIS C    C  N N 46  
HIS O    O  N N 47  
HIS CB   C  N N 48  
HIS CG   C  Y N 49  
HIS ND1  N  Y N 50  
HIS CD2  C  Y N 51  
HIS CE1  C  Y N 52  
HIS NE2  N  Y N 53  
HIS OXT  O  N N 54  
HIS H    H  N N 55  
HIS H2   H  N N 56  
HIS HA   H  N N 57  
HIS HB2  H  N N 58  
HIS HB3  H  N N 59  
HIS HD1  H  N N 60  
HIS HD2  H  N N 61  
HIS HE1  H  N N 62  
HIS HE2  H  N N 63  
HIS HXT  H  N N 64  
HOH O    O  N N 65  
HOH H1   H  N N 66  
HOH H2   H  N N 67  
ILE N    N  N N 68  
ILE CA   C  N S 69  
ILE C    C  N N 70  
ILE O    O  N N 71  
ILE CB   C  N S 72  
ILE CG1  C  N N 73  
ILE CG2  C  N N 74  
ILE CD1  C  N N 75  
ILE OXT  O  N N 76  
ILE H    H  N N 77  
ILE H2   H  N N 78  
ILE HA   H  N N 79  
ILE HB   H  N N 80  
ILE HG12 H  N N 81  
ILE HG13 H  N N 82  
ILE HG21 H  N N 83  
ILE HG22 H  N N 84  
ILE HG23 H  N N 85  
ILE HD11 H  N N 86  
ILE HD12 H  N N 87  
ILE HD13 H  N N 88  
ILE HXT  H  N N 89  
IOD I    I  N N 90  
LEU N    N  N N 91  
LEU CA   C  N S 92  
LEU C    C  N N 93  
LEU O    O  N N 94  
LEU CB   C  N N 95  
LEU CG   C  N N 96  
LEU CD1  C  N N 97  
LEU CD2  C  N N 98  
LEU OXT  O  N N 99  
LEU H    H  N N 100 
LEU H2   H  N N 101 
LEU HA   H  N N 102 
LEU HB2  H  N N 103 
LEU HB3  H  N N 104 
LEU HG   H  N N 105 
LEU HD11 H  N N 106 
LEU HD12 H  N N 107 
LEU HD13 H  N N 108 
LEU HD21 H  N N 109 
LEU HD22 H  N N 110 
LEU HD23 H  N N 111 
LEU HXT  H  N N 112 
LYS N    N  N N 113 
LYS CA   C  N S 114 
LYS C    C  N N 115 
LYS O    O  N N 116 
LYS CB   C  N N 117 
LYS CG   C  N N 118 
LYS CD   C  N N 119 
LYS CE   C  N N 120 
LYS NZ   N  N N 121 
LYS OXT  O  N N 122 
LYS H    H  N N 123 
LYS H2   H  N N 124 
LYS HA   H  N N 125 
LYS HB2  H  N N 126 
LYS HB3  H  N N 127 
LYS HG2  H  N N 128 
LYS HG3  H  N N 129 
LYS HD2  H  N N 130 
LYS HD3  H  N N 131 
LYS HE2  H  N N 132 
LYS HE3  H  N N 133 
LYS HZ1  H  N N 134 
LYS HZ2  H  N N 135 
LYS HZ3  H  N N 136 
LYS HXT  H  N N 137 
MEA C1   C  N N 138 
MEA N    N  N N 139 
MEA CA   C  N S 140 
MEA C    C  N N 141 
MEA O    O  N N 142 
MEA CB   C  N N 143 
MEA CG   C  Y N 144 
MEA CD1  C  Y N 145 
MEA CE1  C  Y N 146 
MEA CZ   C  Y N 147 
MEA CE2  C  Y N 148 
MEA CD2  C  Y N 149 
MEA OXT  O  N N 150 
MEA HC1  H  N N 151 
MEA HC2  H  N N 152 
MEA HC3  H  N N 153 
MEA H    H  N N 154 
MEA HA   H  N N 155 
MEA HB1  H  N N 156 
MEA HB2  H  N N 157 
MEA HD1  H  N N 158 
MEA HE1  H  N N 159 
MEA HZ   H  N N 160 
MEA HE2  H  N N 161 
MEA HD2  H  N N 162 
MEA HXT  H  N N 163 
MET N    N  N N 164 
MET CA   C  N S 165 
MET C    C  N N 166 
MET O    O  N N 167 
MET CB   C  N N 168 
MET CG   C  N N 169 
MET SD   S  N N 170 
MET CE   C  N N 171 
MET OXT  O  N N 172 
MET H    H  N N 173 
MET H2   H  N N 174 
MET HA   H  N N 175 
MET HB2  H  N N 176 
MET HB3  H  N N 177 
MET HG2  H  N N 178 
MET HG3  H  N N 179 
MET HE1  H  N N 180 
MET HE2  H  N N 181 
MET HE3  H  N N 182 
MET HXT  H  N N 183 
ORN N    N  N N 184 
ORN CA   C  N S 185 
ORN CB   C  N N 186 
ORN CG   C  N N 187 
ORN CD   C  N N 188 
ORN NE   N  N N 189 
ORN C    C  N N 190 
ORN O    O  N N 191 
ORN OXT  O  N N 192 
ORN H    H  N N 193 
ORN H2   H  N N 194 
ORN HA   H  N N 195 
ORN HB2  H  N N 196 
ORN HB3  H  N N 197 
ORN HG2  H  N N 198 
ORN HG3  H  N N 199 
ORN HD2  H  N N 200 
ORN HD3  H  N N 201 
ORN HE1  H  N N 202 
ORN HE2  H  N N 203 
ORN HXT  H  N N 204 
PHE N    N  N N 205 
PHE CA   C  N S 206 
PHE C    C  N N 207 
PHE O    O  N N 208 
PHE CB   C  N N 209 
PHE CG   C  Y N 210 
PHE CD1  C  Y N 211 
PHE CD2  C  Y N 212 
PHE CE1  C  Y N 213 
PHE CE2  C  Y N 214 
PHE CZ   C  Y N 215 
PHE OXT  O  N N 216 
PHE H    H  N N 217 
PHE H2   H  N N 218 
PHE HA   H  N N 219 
PHE HB2  H  N N 220 
PHE HB3  H  N N 221 
PHE HD1  H  N N 222 
PHE HD2  H  N N 223 
PHE HE1  H  N N 224 
PHE HE2  H  N N 225 
PHE HZ   H  N N 226 
PHE HXT  H  N N 227 
VAL N    N  N N 228 
VAL CA   C  N S 229 
VAL C    C  N N 230 
VAL O    O  N N 231 
VAL CB   C  N N 232 
VAL CG1  C  N N 233 
VAL CG2  C  N N 234 
VAL OXT  O  N N 235 
VAL H    H  N N 236 
VAL H2   H  N N 237 
VAL HA   H  N N 238 
VAL HB   H  N N 239 
VAL HG11 H  N N 240 
VAL HG12 H  N N 241 
VAL HG13 H  N N 242 
VAL HG21 H  N N 243 
VAL HG22 H  N N 244 
VAL HG23 H  N N 245 
VAL HXT  H  N N 246 
# 
loop_
_chem_comp_bond.comp_id 
_chem_comp_bond.atom_id_1 
_chem_comp_bond.atom_id_2 
_chem_comp_bond.value_order 
_chem_comp_bond.pdbx_aromatic_flag 
_chem_comp_bond.pdbx_stereo_config 
_chem_comp_bond.pdbx_ordinal 
ALA N   CA   sing N N 1   
ALA N   H    sing N N 2   
ALA N   H2   sing N N 3   
ALA CA  C    sing N N 4   
ALA CA  CB   sing N N 5   
ALA CA  HA   sing N N 6   
ALA C   O    doub N N 7   
ALA C   OXT  sing N N 8   
ALA CB  HB1  sing N N 9   
ALA CB  HB2  sing N N 10  
ALA CB  HB3  sing N N 11  
ALA OXT HXT  sing N N 12  
GLU N   CA   sing N N 13  
GLU N   H    sing N N 14  
GLU N   H2   sing N N 15  
GLU CA  C    sing N N 16  
GLU CA  CB   sing N N 17  
GLU CA  HA   sing N N 18  
GLU C   O    doub N N 19  
GLU C   OXT  sing N N 20  
GLU CB  CG   sing N N 21  
GLU CB  HB2  sing N N 22  
GLU CB  HB3  sing N N 23  
GLU CG  CD   sing N N 24  
GLU CG  HG2  sing N N 25  
GLU CG  HG3  sing N N 26  
GLU CD  OE1  doub N N 27  
GLU CD  OE2  sing N N 28  
GLU OE2 HE2  sing N N 29  
GLU OXT HXT  sing N N 30  
GLY N   CA   sing N N 31  
GLY N   H    sing N N 32  
GLY N   H2   sing N N 33  
GLY CA  C    sing N N 34  
GLY CA  HA2  sing N N 35  
GLY CA  HA3  sing N N 36  
GLY C   O    doub N N 37  
GLY C   OXT  sing N N 38  
GLY OXT HXT  sing N N 39  
HIS N   CA   sing N N 40  
HIS N   H    sing N N 41  
HIS N   H2   sing N N 42  
HIS CA  C    sing N N 43  
HIS CA  CB   sing N N 44  
HIS CA  HA   sing N N 45  
HIS C   O    doub N N 46  
HIS C   OXT  sing N N 47  
HIS CB  CG   sing N N 48  
HIS CB  HB2  sing N N 49  
HIS CB  HB3  sing N N 50  
HIS CG  ND1  sing Y N 51  
HIS CG  CD2  doub Y N 52  
HIS ND1 CE1  doub Y N 53  
HIS ND1 HD1  sing N N 54  
HIS CD2 NE2  sing Y N 55  
HIS CD2 HD2  sing N N 56  
HIS CE1 NE2  sing Y N 57  
HIS CE1 HE1  sing N N 58  
HIS NE2 HE2  sing N N 59  
HIS OXT HXT  sing N N 60  
HOH O   H1   sing N N 61  
HOH O   H2   sing N N 62  
ILE N   CA   sing N N 63  
ILE N   H    sing N N 64  
ILE N   H2   sing N N 65  
ILE CA  C    sing N N 66  
ILE CA  CB   sing N N 67  
ILE CA  HA   sing N N 68  
ILE C   O    doub N N 69  
ILE C   OXT  sing N N 70  
ILE CB  CG1  sing N N 71  
ILE CB  CG2  sing N N 72  
ILE CB  HB   sing N N 73  
ILE CG1 CD1  sing N N 74  
ILE CG1 HG12 sing N N 75  
ILE CG1 HG13 sing N N 76  
ILE CG2 HG21 sing N N 77  
ILE CG2 HG22 sing N N 78  
ILE CG2 HG23 sing N N 79  
ILE CD1 HD11 sing N N 80  
ILE CD1 HD12 sing N N 81  
ILE CD1 HD13 sing N N 82  
ILE OXT HXT  sing N N 83  
LEU N   CA   sing N N 84  
LEU N   H    sing N N 85  
LEU N   H2   sing N N 86  
LEU CA  C    sing N N 87  
LEU CA  CB   sing N N 88  
LEU CA  HA   sing N N 89  
LEU C   O    doub N N 90  
LEU C   OXT  sing N N 91  
LEU CB  CG   sing N N 92  
LEU CB  HB2  sing N N 93  
LEU CB  HB3  sing N N 94  
LEU CG  CD1  sing N N 95  
LEU CG  CD2  sing N N 96  
LEU CG  HG   sing N N 97  
LEU CD1 HD11 sing N N 98  
LEU CD1 HD12 sing N N 99  
LEU CD1 HD13 sing N N 100 
LEU CD2 HD21 sing N N 101 
LEU CD2 HD22 sing N N 102 
LEU CD2 HD23 sing N N 103 
LEU OXT HXT  sing N N 104 
LYS N   CA   sing N N 105 
LYS N   H    sing N N 106 
LYS N   H2   sing N N 107 
LYS CA  C    sing N N 108 
LYS CA  CB   sing N N 109 
LYS CA  HA   sing N N 110 
LYS C   O    doub N N 111 
LYS C   OXT  sing N N 112 
LYS CB  CG   sing N N 113 
LYS CB  HB2  sing N N 114 
LYS CB  HB3  sing N N 115 
LYS CG  CD   sing N N 116 
LYS CG  HG2  sing N N 117 
LYS CG  HG3  sing N N 118 
LYS CD  CE   sing N N 119 
LYS CD  HD2  sing N N 120 
LYS CD  HD3  sing N N 121 
LYS CE  NZ   sing N N 122 
LYS CE  HE2  sing N N 123 
LYS CE  HE3  sing N N 124 
LYS NZ  HZ1  sing N N 125 
LYS NZ  HZ2  sing N N 126 
LYS NZ  HZ3  sing N N 127 
LYS OXT HXT  sing N N 128 
MEA C1  N    sing N N 129 
MEA C1  HC1  sing N N 130 
MEA C1  HC2  sing N N 131 
MEA C1  HC3  sing N N 132 
MEA N   CA   sing N N 133 
MEA N   H    sing N N 134 
MEA CA  C    sing N N 135 
MEA CA  CB   sing N N 136 
MEA CA  HA   sing N N 137 
MEA C   O    doub N N 138 
MEA C   OXT  sing N N 139 
MEA CB  CG   sing N N 140 
MEA CB  HB1  sing N N 141 
MEA CB  HB2  sing N N 142 
MEA CG  CD1  doub Y N 143 
MEA CG  CD2  sing Y N 144 
MEA CD1 CE1  sing Y N 145 
MEA CD1 HD1  sing N N 146 
MEA CE1 CZ   doub Y N 147 
MEA CE1 HE1  sing N N 148 
MEA CZ  CE2  sing Y N 149 
MEA CZ  HZ   sing N N 150 
MEA CE2 CD2  doub Y N 151 
MEA CE2 HE2  sing N N 152 
MEA CD2 HD2  sing N N 153 
MEA OXT HXT  sing N N 154 
MET N   CA   sing N N 155 
MET N   H    sing N N 156 
MET N   H2   sing N N 157 
MET CA  C    sing N N 158 
MET CA  CB   sing N N 159 
MET CA  HA   sing N N 160 
MET C   O    doub N N 161 
MET C   OXT  sing N N 162 
MET CB  CG   sing N N 163 
MET CB  HB2  sing N N 164 
MET CB  HB3  sing N N 165 
MET CG  SD   sing N N 166 
MET CG  HG2  sing N N 167 
MET CG  HG3  sing N N 168 
MET SD  CE   sing N N 169 
MET CE  HE1  sing N N 170 
MET CE  HE2  sing N N 171 
MET CE  HE3  sing N N 172 
MET OXT HXT  sing N N 173 
ORN N   CA   sing N N 174 
ORN N   H    sing N N 175 
ORN N   H2   sing N N 176 
ORN CA  CB   sing N N 177 
ORN CA  C    sing N N 178 
ORN CA  HA   sing N N 179 
ORN CB  CG   sing N N 180 
ORN CB  HB2  sing N N 181 
ORN CB  HB3  sing N N 182 
ORN CG  CD   sing N N 183 
ORN CG  HG2  sing N N 184 
ORN CG  HG3  sing N N 185 
ORN CD  NE   sing N N 186 
ORN CD  HD2  sing N N 187 
ORN CD  HD3  sing N N 188 
ORN NE  HE1  sing N N 189 
ORN NE  HE2  sing N N 190 
ORN C   O    doub N N 191 
ORN C   OXT  sing N N 192 
ORN OXT HXT  sing N N 193 
PHE N   CA   sing N N 194 
PHE N   H    sing N N 195 
PHE N   H2   sing N N 196 
PHE CA  C    sing N N 197 
PHE CA  CB   sing N N 198 
PHE CA  HA   sing N N 199 
PHE C   O    doub N N 200 
PHE C   OXT  sing N N 201 
PHE CB  CG   sing N N 202 
PHE CB  HB2  sing N N 203 
PHE CB  HB3  sing N N 204 
PHE CG  CD1  doub Y N 205 
PHE CG  CD2  sing Y N 206 
PHE CD1 CE1  sing Y N 207 
PHE CD1 HD1  sing N N 208 
PHE CD2 CE2  doub Y N 209 
PHE CD2 HD2  sing N N 210 
PHE CE1 CZ   doub Y N 211 
PHE CE1 HE1  sing N N 212 
PHE CE2 CZ   sing Y N 213 
PHE CE2 HE2  sing N N 214 
PHE CZ  HZ   sing N N 215 
PHE OXT HXT  sing N N 216 
VAL N   CA   sing N N 217 
VAL N   H    sing N N 218 
VAL N   H2   sing N N 219 
VAL CA  C    sing N N 220 
VAL CA  CB   sing N N 221 
VAL CA  HA   sing N N 222 
VAL C   O    doub N N 223 
VAL C   OXT  sing N N 224 
VAL CB  CG1  sing N N 225 
VAL CB  CG2  sing N N 226 
VAL CB  HB   sing N N 227 
VAL CG1 HG11 sing N N 228 
VAL CG1 HG12 sing N N 229 
VAL CG1 HG13 sing N N 230 
VAL CG2 HG21 sing N N 231 
VAL CG2 HG22 sing N N 232 
VAL CG2 HG23 sing N N 233 
VAL OXT HXT  sing N N 234 
# 
_pdbx_audit_support.funding_organization   
'National Institutes of Health/National Institute of General Medical Sciences (NIH/NIGMS)' 
_pdbx_audit_support.country                'United States' 
_pdbx_audit_support.grant_number           GM097562 
_pdbx_audit_support.ordinal                1 
# 
loop_
_pdbx_entity_nonpoly.entity_id 
_pdbx_entity_nonpoly.name 
_pdbx_entity_nonpoly.comp_id 
2 'IODIDE ION'   IOD 
3 'CHLORIDE ION' CL  
4 water          HOH 
# 
_pdbx_initial_refinement_model.id               1 
_pdbx_initial_refinement_model.entity_id_list   ? 
_pdbx_initial_refinement_model.type             'experimental model' 
_pdbx_initial_refinement_model.source_name      PDB 
_pdbx_initial_refinement_model.accession_code   5W4H 
_pdbx_initial_refinement_model.details          ? 
# 
_pdbx_struct_assembly_auth_evidence.id                     1 
_pdbx_struct_assembly_auth_evidence.assembly_id            1 
_pdbx_struct_assembly_auth_evidence.experimental_support   'native gel electrophoresis' 
_pdbx_struct_assembly_auth_evidence.details                ? 
# 
